data_4YQV
#
_entry.id   4YQV
#
_cell.length_a   186.320
_cell.length_b   71.373
_cell.length_c   61.968
_cell.angle_alpha   90.00
_cell.angle_beta   105.16
_cell.angle_gamma   90.00
#
_symmetry.space_group_name_H-M   'C 1 2 1'
#
loop_
_entity.id
_entity.type
_entity.pdbx_description
1 polymer 'Glutathione S-transferase omega-1'
2 non-polymer 2-(ethylsulfanyl)-N-methyl-N-[(1-phenyl-1H-pyrazol-4-yl)methyl]acetamide
3 water water
#
_entity_poly.entity_id   1
_entity_poly.type   'polypeptide(L)'
_entity_poly.pdbx_seq_one_letter_code
;SNAMSGESARSLGKGSAPPGPVPEGSIRIYSMRFCPFAERTRLVLKAKGIRHEVININLKNKPEWFFKKNPFGLVPVLEN
SQGQLIYESAITCEYLDEAYPGKKLLPDDPYEKACQKMILELFSKVPSLVGSFIRSQNKEDYAGLKEEFRKEFTKLEEVL
TNKKTTFFGGNSISMIDYLIWPWFERLEAMKLNECVDHTPKLKLWMAAMKEDPTVSALLTSEKDWQGFLELYLQNSPEAC
DYGL
;
_entity_poly.pdbx_strand_id   A,B,C
#
loop_
_chem_comp.id
_chem_comp.type
_chem_comp.name
_chem_comp.formula
4GG non-polymer 2-(ethylsulfanyl)-N-methyl-N-[(1-phenyl-1H-pyrazol-4-yl)methyl]acetamide 'C15 H19 N3 O S'
#
# COMPACT_ATOMS: atom_id res chain seq x y z
N SER A 8 38.62 2.42 1.74
CA SER A 8 38.70 1.03 1.26
C SER A 8 38.52 0.95 -0.26
N ALA A 9 37.61 1.76 -0.84
CA ALA A 9 37.34 1.78 -2.27
C ALA A 9 38.47 2.45 -3.08
N ARG A 10 39.38 3.23 -2.41
CA ARG A 10 40.50 3.89 -3.09
C ARG A 10 41.42 2.84 -3.73
N SER A 11 41.77 3.05 -5.01
CA SER A 11 42.60 2.15 -5.80
C SER A 11 44.00 2.04 -5.26
N LEU A 12 44.59 0.84 -5.35
CA LEU A 12 45.95 0.59 -4.91
C LEU A 12 46.89 0.74 -6.10
N GLY A 13 48.03 1.37 -5.86
CA GLY A 13 49.02 1.61 -6.91
C GLY A 13 50.41 1.14 -6.57
N LYS A 14 51.41 1.56 -7.38
CA LYS A 14 52.83 1.25 -7.18
C LYS A 14 53.26 1.67 -5.76
N GLY A 15 53.91 0.76 -5.04
CA GLY A 15 54.36 0.99 -3.68
C GLY A 15 53.39 0.49 -2.62
N SER A 16 52.21 0.00 -3.03
CA SER A 16 51.23 -0.52 -2.07
C SER A 16 51.61 -1.94 -1.64
N ALA A 17 51.20 -2.31 -0.42
CA ALA A 17 51.46 -3.62 0.13
C ALA A 17 50.60 -4.71 -0.55
N PRO A 18 51.22 -5.86 -0.90
CA PRO A 18 50.43 -6.98 -1.45
C PRO A 18 49.31 -7.38 -0.48
N PRO A 19 48.06 -7.54 -0.95
CA PRO A 19 46.96 -7.87 -0.03
C PRO A 19 47.11 -9.24 0.65
N GLY A 20 46.41 -9.42 1.76
CA GLY A 20 46.41 -10.67 2.50
C GLY A 20 45.62 -11.76 1.81
N PRO A 21 45.53 -12.97 2.41
CA PRO A 21 44.76 -14.05 1.76
C PRO A 21 43.25 -13.78 1.77
N VAL A 22 42.54 -14.41 0.84
CA VAL A 22 41.10 -14.26 0.74
C VAL A 22 40.45 -15.14 1.83
N PRO A 23 39.56 -14.60 2.69
CA PRO A 23 38.96 -15.45 3.75
C PRO A 23 37.96 -16.46 3.18
N GLU A 24 37.74 -17.58 3.89
CA GLU A 24 36.80 -18.63 3.48
C GLU A 24 35.38 -18.09 3.41
N GLY A 25 34.63 -18.54 2.40
CA GLY A 25 33.24 -18.14 2.15
C GLY A 25 33.12 -16.86 1.36
N SER A 26 34.26 -16.30 0.96
CA SER A 26 34.32 -15.07 0.20
C SER A 26 35.24 -15.22 -1.00
N ILE A 27 35.05 -14.39 -2.01
CA ILE A 27 35.90 -14.33 -3.20
C ILE A 27 36.33 -12.86 -3.40
N ARG A 28 37.51 -12.62 -3.98
CA ARG A 28 38.00 -11.26 -4.18
C ARG A 28 38.04 -10.91 -5.65
N ILE A 29 37.64 -9.68 -5.99
CA ILE A 29 37.77 -9.19 -7.34
C ILE A 29 38.73 -8.01 -7.33
N TYR A 30 39.73 -8.08 -8.22
CA TYR A 30 40.64 -6.99 -8.48
C TYR A 30 39.98 -6.24 -9.62
N SER A 31 39.52 -5.02 -9.36
CA SER A 31 38.72 -4.29 -10.33
C SER A 31 39.20 -2.84 -10.49
N MET A 32 38.40 -2.02 -11.19
CA MET A 32 38.54 -0.59 -11.39
C MET A 32 37.14 -0.11 -11.67
N ARG A 33 36.65 0.84 -10.85
CA ARG A 33 35.28 1.35 -10.84
C ARG A 33 34.76 1.83 -12.22
N PHE A 34 35.65 2.28 -13.13
CA PHE A 34 35.23 2.76 -14.44
C PHE A 34 35.63 1.79 -15.58
N CYS A 35 36.10 0.59 -15.25
CA CYS A 35 36.50 -0.37 -16.28
C CYS A 35 35.29 -1.20 -16.76
N PRO A 36 34.91 -1.13 -18.07
CA PRO A 36 33.74 -1.89 -18.54
C PRO A 36 33.94 -3.41 -18.51
N PHE A 37 35.19 -3.87 -18.69
CA PHE A 37 35.51 -5.30 -18.64
C PHE A 37 35.32 -5.82 -17.21
N ALA A 38 35.75 -5.05 -16.20
CA ALA A 38 35.60 -5.46 -14.80
C ALA A 38 34.15 -5.39 -14.38
N GLU A 39 33.36 -4.50 -15.02
CA GLU A 39 31.94 -4.32 -14.74
C GLU A 39 31.16 -5.60 -15.07
N ARG A 40 31.55 -6.37 -16.11
CA ARG A 40 30.91 -7.64 -16.46
C ARG A 40 30.84 -8.54 -15.23
N THR A 41 32.01 -8.75 -14.59
CA THR A 41 32.20 -9.58 -13.39
C THR A 41 31.37 -9.05 -12.23
N ARG A 42 31.37 -7.72 -12.03
CA ARG A 42 30.67 -7.07 -10.95
C ARG A 42 29.16 -7.24 -11.14
N LEU A 43 28.68 -7.22 -12.39
CA LEU A 43 27.27 -7.46 -12.70
C LEU A 43 26.85 -8.90 -12.31
N VAL A 44 27.71 -9.91 -12.61
CA VAL A 44 27.49 -11.34 -12.29
C VAL A 44 27.51 -11.54 -10.75
N LEU A 45 28.53 -10.96 -10.07
CA LEU A 45 28.64 -11.03 -8.59
C LEU A 45 27.35 -10.52 -7.91
N LYS A 46 26.76 -9.46 -8.48
CA LYS A 46 25.53 -8.85 -7.96
C LYS A 46 24.31 -9.71 -8.30
N ALA A 47 24.17 -10.10 -9.59
CA ALA A 47 23.04 -10.90 -10.05
C ALA A 47 22.93 -12.24 -9.30
N LYS A 48 24.06 -12.88 -8.97
CA LYS A 48 24.06 -14.19 -8.29
C LYS A 48 24.13 -14.04 -6.78
N GLY A 49 24.12 -12.79 -6.29
CA GLY A 49 24.21 -12.46 -4.87
C GLY A 49 25.43 -13.06 -4.17
N ILE A 50 26.60 -13.00 -4.82
CA ILE A 50 27.83 -13.59 -4.28
C ILE A 50 28.52 -12.65 -3.29
N ARG A 51 28.87 -13.20 -2.10
CA ARG A 51 29.61 -12.46 -1.08
C ARG A 51 31.05 -12.33 -1.56
N HIS A 52 31.55 -11.11 -1.58
CA HIS A 52 32.88 -10.83 -2.11
C HIS A 52 33.48 -9.54 -1.55
N GLU A 53 34.78 -9.32 -1.82
CA GLU A 53 35.50 -8.10 -1.50
C GLU A 53 36.07 -7.51 -2.80
N VAL A 54 36.16 -6.18 -2.87
CA VAL A 54 36.63 -5.44 -4.03
C VAL A 54 37.92 -4.72 -3.70
N ILE A 55 38.95 -4.94 -4.53
CA ILE A 55 40.23 -4.24 -4.43
C ILE A 55 40.39 -3.53 -5.76
N ASN A 56 40.34 -2.19 -5.75
CA ASN A 56 40.50 -1.45 -7.00
C ASN A 56 41.97 -1.24 -7.28
N ILE A 57 42.34 -1.30 -8.56
CA ILE A 57 43.72 -1.16 -9.02
C ILE A 57 43.87 0.14 -9.80
N ASN A 58 44.95 0.90 -9.51
CA ASN A 58 45.26 2.12 -10.24
C ASN A 58 45.92 1.69 -11.55
N LEU A 59 45.15 1.70 -12.64
CA LEU A 59 45.60 1.21 -13.95
C LEU A 59 46.67 2.10 -14.61
N LYS A 60 46.82 3.34 -14.13
CA LYS A 60 47.84 4.27 -14.61
C LYS A 60 49.15 4.12 -13.82
N ASN A 61 49.09 3.46 -12.64
CA ASN A 61 50.23 3.30 -11.73
C ASN A 61 50.07 1.98 -10.98
N LYS A 62 50.15 0.87 -11.71
CA LYS A 62 49.88 -0.49 -11.23
C LYS A 62 50.80 -0.97 -10.11
N PRO A 63 50.24 -1.68 -9.09
CA PRO A 63 51.10 -2.23 -8.05
C PRO A 63 51.92 -3.38 -8.62
N GLU A 64 53.16 -3.52 -8.15
CA GLU A 64 54.09 -4.57 -8.58
C GLU A 64 53.48 -5.96 -8.40
N TRP A 65 52.81 -6.19 -7.25
CA TRP A 65 52.18 -7.47 -6.89
C TRP A 65 50.98 -7.85 -7.79
N PHE A 66 50.35 -6.87 -8.49
CA PHE A 66 49.21 -7.16 -9.36
C PHE A 66 49.61 -8.02 -10.55
N PHE A 67 50.89 -8.00 -10.94
CA PHE A 67 51.39 -8.79 -12.05
C PHE A 67 51.51 -10.25 -11.64
N LYS A 68 51.51 -10.55 -10.32
CA LYS A 68 51.49 -11.92 -9.78
C LYS A 68 50.04 -12.44 -9.77
N LYS A 69 49.04 -11.51 -9.86
CA LYS A 69 47.61 -11.86 -9.91
C LYS A 69 47.24 -12.16 -11.35
N ASN A 70 47.66 -11.27 -12.27
CA ASN A 70 47.52 -11.41 -13.72
C ASN A 70 48.83 -10.99 -14.36
N PRO A 71 49.58 -11.93 -15.00
CA PRO A 71 50.85 -11.53 -15.65
C PRO A 71 50.69 -10.41 -16.68
N PHE A 72 49.49 -10.30 -17.28
CA PHE A 72 49.12 -9.30 -18.29
C PHE A 72 48.73 -7.95 -17.66
N GLY A 73 48.58 -7.92 -16.34
CA GLY A 73 48.25 -6.73 -15.56
C GLY A 73 46.91 -6.10 -15.89
N LEU A 74 45.91 -6.91 -16.27
CA LEU A 74 44.56 -6.42 -16.60
C LEU A 74 43.52 -6.83 -15.59
N VAL A 75 42.60 -5.91 -15.27
CA VAL A 75 41.44 -6.22 -14.43
C VAL A 75 40.31 -6.68 -15.39
N PRO A 76 39.33 -7.50 -14.98
CA PRO A 76 39.13 -8.09 -13.64
C PRO A 76 39.97 -9.33 -13.42
N VAL A 77 40.25 -9.59 -12.15
CA VAL A 77 40.93 -10.80 -11.69
C VAL A 77 40.17 -11.29 -10.46
N LEU A 78 39.79 -12.57 -10.45
CA LEU A 78 39.18 -13.20 -9.28
C LEU A 78 40.23 -13.96 -8.49
N GLU A 79 40.17 -13.92 -7.15
CA GLU A 79 41.01 -14.71 -6.26
C GLU A 79 40.13 -15.33 -5.18
N ASN A 80 40.16 -16.68 -5.04
CA ASN A 80 39.35 -17.34 -4.00
C ASN A 80 40.22 -17.68 -2.78
N SER A 81 39.59 -18.25 -1.71
CA SER A 81 40.28 -18.60 -0.45
C SER A 81 41.41 -19.64 -0.64
N GLN A 82 41.41 -20.37 -1.76
CA GLN A 82 42.44 -21.37 -2.07
C GLN A 82 43.63 -20.72 -2.83
N GLY A 83 43.55 -19.41 -3.07
CA GLY A 83 44.60 -18.67 -3.76
C GLY A 83 44.57 -18.87 -5.27
N GLN A 84 43.50 -19.50 -5.80
CA GLN A 84 43.29 -19.73 -7.24
C GLN A 84 42.97 -18.41 -7.89
N LEU A 85 43.59 -18.13 -9.04
CA LEU A 85 43.42 -16.87 -9.76
C LEU A 85 42.78 -17.11 -11.12
N ILE A 86 41.74 -16.31 -11.44
CA ILE A 86 40.97 -16.39 -12.67
C ILE A 86 40.90 -14.99 -13.30
N TYR A 87 41.27 -14.89 -14.58
CA TYR A 87 41.21 -13.62 -15.29
C TYR A 87 40.63 -13.84 -16.71
N GLU A 88 40.44 -12.74 -17.47
CA GLU A 88 39.73 -12.59 -18.76
C GLU A 88 38.28 -12.43 -18.34
N SER A 89 37.69 -11.25 -18.61
CA SER A 89 36.34 -10.91 -18.10
C SER A 89 35.26 -11.95 -18.41
N ALA A 90 35.18 -12.50 -19.65
CA ALA A 90 34.13 -13.52 -19.92
C ALA A 90 34.37 -14.80 -19.13
N ILE A 91 35.65 -15.19 -18.96
CA ILE A 91 36.04 -16.38 -18.20
C ILE A 91 35.66 -16.22 -16.71
N THR A 92 35.89 -15.03 -16.12
CA THR A 92 35.55 -14.83 -14.69
C THR A 92 34.03 -14.95 -14.49
N CYS A 93 33.25 -14.45 -15.47
CA CYS A 93 31.80 -14.49 -15.42
C CYS A 93 31.26 -15.93 -15.49
N GLU A 94 31.79 -16.74 -16.42
CA GLU A 94 31.34 -18.13 -16.54
C GLU A 94 31.76 -18.95 -15.33
N TYR A 95 32.99 -18.70 -14.81
CA TYR A 95 33.50 -19.39 -13.61
C TYR A 95 32.57 -19.15 -12.43
N LEU A 96 32.18 -17.87 -12.20
CA LEU A 96 31.26 -17.50 -11.12
C LEU A 96 29.89 -18.18 -11.27
N ASP A 97 29.42 -18.28 -12.52
CA ASP A 97 28.12 -18.88 -12.84
C ASP A 97 28.08 -20.37 -12.49
N GLU A 98 29.21 -21.07 -12.73
CA GLU A 98 29.40 -22.50 -12.48
C GLU A 98 29.74 -22.84 -11.01
N ALA A 99 30.57 -22.01 -10.34
CA ALA A 99 31.09 -22.29 -8.99
C ALA A 99 30.18 -21.80 -7.86
N TYR A 100 29.07 -21.11 -8.17
CA TYR A 100 28.20 -20.58 -7.10
C TYR A 100 26.77 -21.00 -7.33
N PRO A 101 25.97 -21.19 -6.23
CA PRO A 101 24.58 -21.64 -6.42
C PRO A 101 23.65 -20.52 -6.92
N GLY A 102 22.40 -20.90 -7.19
CA GLY A 102 21.35 -20.01 -7.66
C GLY A 102 21.02 -20.20 -9.12
N LYS A 103 20.19 -19.31 -9.66
CA LYS A 103 19.79 -19.33 -11.07
C LYS A 103 21.02 -19.19 -11.96
N LYS A 104 21.06 -19.96 -13.04
CA LYS A 104 22.17 -19.91 -13.98
C LYS A 104 21.95 -18.76 -14.93
N LEU A 105 22.99 -17.95 -15.14
CA LEU A 105 22.91 -16.82 -16.07
C LEU A 105 23.13 -17.32 -17.48
N LEU A 106 23.96 -18.36 -17.60
CA LEU A 106 24.20 -19.03 -18.87
C LEU A 106 23.27 -20.22 -18.94
N PRO A 107 22.48 -20.40 -20.03
CA PRO A 107 21.58 -21.56 -20.08
C PRO A 107 22.37 -22.86 -20.12
N ASP A 108 21.80 -23.92 -19.52
CA ASP A 108 22.42 -25.25 -19.46
CA ASP A 108 22.45 -25.23 -19.47
C ASP A 108 22.37 -25.94 -20.83
N ASP A 109 21.32 -25.63 -21.65
CA ASP A 109 21.17 -26.23 -22.97
C ASP A 109 22.41 -25.94 -23.84
N PRO A 110 23.12 -27.00 -24.30
CA PRO A 110 24.35 -26.78 -25.12
C PRO A 110 24.16 -25.83 -26.30
N TYR A 111 23.06 -25.94 -27.07
CA TYR A 111 22.82 -25.06 -28.21
C TYR A 111 22.59 -23.61 -27.76
N GLU A 112 21.72 -23.38 -26.76
CA GLU A 112 21.42 -22.01 -26.28
C GLU A 112 22.66 -21.34 -25.70
N LYS A 113 23.49 -22.11 -24.99
CA LYS A 113 24.73 -21.56 -24.41
C LYS A 113 25.69 -21.20 -25.54
N ALA A 114 25.73 -22.04 -26.61
CA ALA A 114 26.60 -21.78 -27.76
C ALA A 114 26.21 -20.48 -28.47
N CYS A 115 24.88 -20.22 -28.60
CA CYS A 115 24.32 -19.03 -29.25
C CYS A 115 24.77 -17.76 -28.53
N GLN A 116 24.77 -17.80 -27.19
CA GLN A 116 25.20 -16.67 -26.34
C GLN A 116 26.66 -16.33 -26.61
N LYS A 117 27.50 -17.34 -26.73
CA LYS A 117 28.92 -17.20 -27.01
C LYS A 117 29.11 -16.78 -28.50
N MET A 118 28.20 -17.20 -29.39
CA MET A 118 28.27 -16.76 -30.79
C MET A 118 27.99 -15.24 -30.89
N ILE A 119 27.04 -14.75 -30.10
CA ILE A 119 26.72 -13.30 -30.03
C ILE A 119 27.90 -12.56 -29.40
N LEU A 120 28.56 -13.17 -28.39
CA LEU A 120 29.72 -12.56 -27.75
C LEU A 120 30.81 -12.34 -28.80
N GLU A 121 31.07 -13.35 -29.64
CA GLU A 121 32.05 -13.20 -30.73
C GLU A 121 31.66 -12.07 -31.70
N LEU A 122 30.36 -11.97 -32.04
CA LEU A 122 29.81 -10.96 -32.95
C LEU A 122 30.06 -9.52 -32.44
N PHE A 123 30.04 -9.32 -31.12
CA PHE A 123 30.27 -8.06 -30.41
C PHE A 123 31.77 -7.71 -30.24
N SER A 124 32.67 -8.68 -30.50
CA SER A 124 34.13 -8.61 -30.20
C SER A 124 34.88 -7.35 -30.71
N LYS A 125 34.37 -6.64 -31.73
CA LYS A 125 35.04 -5.45 -32.27
C LYS A 125 34.70 -4.17 -31.49
N VAL A 126 33.48 -4.10 -30.88
CA VAL A 126 32.98 -2.91 -30.15
C VAL A 126 33.94 -2.43 -29.01
N PRO A 127 34.48 -3.27 -28.08
CA PRO A 127 35.35 -2.71 -27.03
C PRO A 127 36.58 -1.96 -27.56
N SER A 128 37.23 -2.47 -28.63
CA SER A 128 38.40 -1.82 -29.23
C SER A 128 38.01 -0.49 -29.89
N LEU A 129 36.81 -0.45 -30.50
CA LEU A 129 36.28 0.76 -31.14
C LEU A 129 36.01 1.86 -30.10
N VAL A 130 35.53 1.47 -28.90
CA VAL A 130 35.24 2.37 -27.80
C VAL A 130 36.58 2.90 -27.23
N GLY A 131 37.53 1.99 -27.00
CA GLY A 131 38.88 2.30 -26.51
C GLY A 131 39.59 3.34 -27.36
N SER A 132 39.49 3.18 -28.69
CA SER A 132 40.06 4.10 -29.68
C SER A 132 39.31 5.43 -29.69
N PHE A 133 37.96 5.41 -29.58
CA PHE A 133 37.13 6.61 -29.61
C PHE A 133 37.40 7.53 -28.43
N ILE A 134 37.60 6.96 -27.23
CA ILE A 134 37.89 7.72 -26.01
C ILE A 134 39.12 8.60 -26.26
N ARG A 135 40.24 7.97 -26.71
CA ARG A 135 41.47 8.67 -27.07
C ARG A 135 41.29 9.31 -28.46
N SER A 136 40.51 10.41 -28.52
CA SER A 136 40.19 11.13 -29.75
C SER A 136 41.45 11.78 -30.36
N GLN A 137 41.57 11.71 -31.68
CA GLN A 137 42.71 12.27 -32.41
C GLN A 137 42.33 13.54 -33.16
N ASN A 138 41.32 13.47 -34.06
CA ASN A 138 40.84 14.60 -34.86
C ASN A 138 39.36 14.45 -35.23
N LYS A 139 38.72 15.59 -35.60
CA LYS A 139 37.31 15.68 -35.98
C LYS A 139 36.95 14.85 -37.21
N GLU A 140 37.88 14.78 -38.20
CA GLU A 140 37.71 14.03 -39.45
C GLU A 140 37.62 12.51 -39.22
N ASP A 141 38.22 12.00 -38.11
CA ASP A 141 38.20 10.58 -37.75
C ASP A 141 36.85 10.15 -37.16
N TYR A 142 36.27 11.01 -36.28
CA TYR A 142 35.02 10.81 -35.54
C TYR A 142 33.89 10.22 -36.39
N ALA A 143 33.52 10.88 -37.51
CA ALA A 143 32.44 10.46 -38.43
C ALA A 143 32.67 9.05 -39.02
N GLY A 144 33.94 8.66 -39.18
CA GLY A 144 34.34 7.36 -39.70
C GLY A 144 34.37 6.27 -38.64
N LEU A 145 34.78 6.64 -37.41
CA LEU A 145 34.83 5.76 -36.24
C LEU A 145 33.41 5.47 -35.78
N LYS A 146 32.49 6.44 -36.02
CA LYS A 146 31.06 6.31 -35.73
C LYS A 146 30.38 5.44 -36.80
N GLU A 147 30.98 5.37 -38.01
CA GLU A 147 30.49 4.52 -39.10
C GLU A 147 30.81 3.06 -38.79
N GLU A 148 31.92 2.83 -38.04
CA GLU A 148 32.33 1.51 -37.57
C GLU A 148 31.31 1.02 -36.53
N PHE A 149 30.87 1.94 -35.63
CA PHE A 149 29.89 1.65 -34.59
C PHE A 149 28.55 1.25 -35.19
N ARG A 150 28.05 2.00 -36.20
CA ARG A 150 26.78 1.68 -36.86
C ARG A 150 26.82 0.26 -37.47
N LYS A 151 27.96 -0.09 -38.12
CA LYS A 151 28.19 -1.39 -38.75
C LYS A 151 28.13 -2.52 -37.72
N GLU A 152 28.83 -2.36 -36.59
CA GLU A 152 28.82 -3.38 -35.53
C GLU A 152 27.47 -3.44 -34.83
N PHE A 153 26.80 -2.29 -34.62
CA PHE A 153 25.50 -2.25 -33.93
C PHE A 153 24.38 -2.85 -34.80
N THR A 154 24.51 -2.80 -36.15
CA THR A 154 23.52 -3.41 -37.04
C THR A 154 23.62 -4.92 -36.92
N LYS A 155 24.82 -5.47 -36.69
CA LYS A 155 25.01 -6.92 -36.48
C LYS A 155 24.19 -7.37 -35.26
N LEU A 156 24.18 -6.56 -34.19
CA LEU A 156 23.46 -6.83 -32.95
C LEU A 156 21.96 -6.66 -33.18
N GLU A 157 21.58 -5.70 -34.03
CA GLU A 157 20.18 -5.45 -34.40
C GLU A 157 19.60 -6.65 -35.16
N GLU A 158 20.37 -7.23 -36.09
CA GLU A 158 19.95 -8.39 -36.89
C GLU A 158 19.73 -9.60 -36.00
N VAL A 159 20.51 -9.73 -34.91
CA VAL A 159 20.38 -10.83 -33.95
C VAL A 159 19.01 -10.72 -33.27
N LEU A 160 18.69 -9.55 -32.69
CA LEU A 160 17.43 -9.28 -31.99
C LEU A 160 16.24 -9.42 -32.92
N THR A 161 16.38 -8.99 -34.19
CA THR A 161 15.35 -9.09 -35.23
C THR A 161 15.05 -10.58 -35.48
N ASN A 162 16.10 -11.39 -35.71
CA ASN A 162 15.96 -12.83 -36.00
C ASN A 162 15.47 -13.64 -34.80
N LYS A 163 15.84 -13.22 -33.58
CA LYS A 163 15.40 -13.88 -32.34
C LYS A 163 13.96 -13.53 -31.99
N LYS A 164 13.50 -12.31 -32.35
CA LYS A 164 12.15 -11.79 -32.04
C LYS A 164 11.92 -11.78 -30.50
N THR A 165 12.98 -11.55 -29.71
CA THR A 165 12.91 -11.49 -28.24
C THR A 165 13.44 -10.13 -27.78
N THR A 166 13.14 -9.74 -26.53
CA THR A 166 13.59 -8.46 -25.94
C THR A 166 15.11 -8.48 -25.66
N PHE A 167 15.65 -9.62 -25.15
CA PHE A 167 17.07 -9.72 -24.82
C PHE A 167 17.81 -10.64 -25.81
N PHE A 168 19.14 -10.71 -25.69
CA PHE A 168 19.97 -11.50 -26.59
C PHE A 168 19.89 -12.99 -26.30
N GLY A 169 19.35 -13.36 -25.13
CA GLY A 169 19.19 -14.77 -24.76
C GLY A 169 17.74 -15.15 -24.45
N GLY A 170 16.78 -14.43 -25.01
CA GLY A 170 15.36 -14.70 -24.77
C GLY A 170 14.59 -13.49 -24.28
N ASN A 171 13.40 -13.73 -23.70
CA ASN A 171 12.54 -12.65 -23.22
C ASN A 171 12.82 -12.25 -21.77
N SER A 172 13.86 -12.84 -21.19
CA SER A 172 14.36 -12.53 -19.85
C SER A 172 15.87 -12.33 -19.97
N ILE A 173 16.42 -11.43 -19.12
CA ILE A 173 17.86 -11.12 -19.04
C ILE A 173 18.68 -12.38 -18.71
N SER A 174 19.87 -12.50 -19.31
CA SER A 174 20.77 -13.63 -19.09
C SER A 174 22.22 -13.13 -19.26
N MET A 175 23.20 -14.04 -19.15
CA MET A 175 24.62 -13.72 -19.19
C MET A 175 25.02 -12.80 -20.33
N ILE A 176 24.68 -13.15 -21.58
CA ILE A 176 25.07 -12.38 -22.77
C ILE A 176 24.72 -10.87 -22.66
N ASP A 177 23.58 -10.54 -22.02
CA ASP A 177 23.15 -9.15 -21.85
C ASP A 177 24.09 -8.42 -20.93
N TYR A 178 24.48 -9.02 -19.75
CA TYR A 178 25.45 -8.43 -18.84
C TYR A 178 26.83 -8.31 -19.49
N LEU A 179 27.19 -9.26 -20.39
CA LEU A 179 28.50 -9.22 -21.06
C LEU A 179 28.62 -8.06 -22.05
N ILE A 180 27.51 -7.63 -22.66
CA ILE A 180 27.52 -6.58 -23.67
C ILE A 180 27.20 -5.18 -23.08
N TRP A 181 26.35 -5.16 -22.06
CA TRP A 181 25.83 -3.93 -21.46
C TRP A 181 26.88 -2.82 -21.16
N PRO A 182 28.03 -3.09 -20.49
CA PRO A 182 28.94 -1.98 -20.11
C PRO A 182 29.32 -0.99 -21.22
N TRP A 183 29.45 -1.45 -22.47
CA TRP A 183 29.83 -0.56 -23.56
C TRP A 183 28.65 0.32 -23.98
N PHE A 184 27.40 -0.22 -23.92
CA PHE A 184 26.19 0.55 -24.27
C PHE A 184 25.80 1.56 -23.18
N GLU A 185 26.15 1.26 -21.92
CA GLU A 185 25.92 2.12 -20.75
C GLU A 185 26.65 3.45 -20.89
N ARG A 186 27.88 3.41 -21.46
CA ARG A 186 28.81 4.54 -21.67
C ARG A 186 28.56 5.31 -22.97
N LEU A 187 27.61 4.86 -23.82
CA LEU A 187 27.31 5.49 -25.11
C LEU A 187 26.88 6.96 -24.97
N GLU A 188 26.05 7.29 -23.95
CA GLU A 188 25.56 8.64 -23.65
C GLU A 188 26.72 9.58 -23.24
N ALA A 189 27.59 9.14 -22.32
CA ALA A 189 28.74 9.92 -21.85
C ALA A 189 29.77 10.15 -22.96
N MET A 190 29.82 9.24 -23.96
CA MET A 190 30.73 9.34 -25.11
C MET A 190 30.10 10.13 -26.27
N LYS A 191 28.82 10.55 -26.11
CA LYS A 191 28.01 11.33 -27.07
C LYS A 191 27.82 10.53 -28.39
N LEU A 192 27.58 9.21 -28.25
CA LEU A 192 27.41 8.28 -29.37
C LEU A 192 25.96 7.78 -29.56
N ASN A 193 24.97 8.46 -28.93
CA ASN A 193 23.55 8.10 -29.00
C ASN A 193 22.97 8.05 -30.43
N GLU A 194 23.62 8.71 -31.41
CA GLU A 194 23.16 8.70 -32.81
C GLU A 194 23.59 7.41 -33.54
N CYS A 195 24.55 6.64 -32.98
CA CYS A 195 25.02 5.40 -33.61
C CYS A 195 23.97 4.26 -33.52
N VAL A 196 22.89 4.44 -32.72
CA VAL A 196 21.80 3.46 -32.58
C VAL A 196 20.46 3.99 -33.19
N ASP A 197 20.48 5.18 -33.84
CA ASP A 197 19.28 5.80 -34.42
C ASP A 197 18.70 4.99 -35.61
N HIS A 198 19.42 3.94 -36.06
CA HIS A 198 18.97 3.05 -37.14
C HIS A 198 18.89 1.58 -36.66
N THR A 199 18.97 1.36 -35.33
CA THR A 199 18.86 0.04 -34.71
C THR A 199 17.74 0.10 -33.63
N PRO A 200 16.43 0.00 -34.04
CA PRO A 200 15.34 0.20 -33.06
C PRO A 200 15.26 -0.84 -31.94
N LYS A 201 15.47 -2.13 -32.24
CA LYS A 201 15.40 -3.19 -31.22
C LYS A 201 16.53 -3.04 -30.22
N LEU A 202 17.71 -2.62 -30.69
CA LEU A 202 18.87 -2.40 -29.83
C LEU A 202 18.60 -1.25 -28.85
N LYS A 203 17.91 -0.18 -29.33
CA LYS A 203 17.53 0.98 -28.50
C LYS A 203 16.56 0.57 -27.39
N LEU A 204 15.60 -0.32 -27.74
CA LEU A 204 14.62 -0.84 -26.78
C LEU A 204 15.31 -1.74 -25.75
N TRP A 205 16.31 -2.53 -26.19
CA TRP A 205 17.09 -3.40 -25.30
C TRP A 205 17.83 -2.55 -24.24
N MET A 206 18.44 -1.41 -24.65
CA MET A 206 19.16 -0.48 -23.75
C MET A 206 18.26 0.04 -22.63
N ALA A 207 17.03 0.46 -22.97
CA ALA A 207 16.07 0.97 -21.99
C ALA A 207 15.60 -0.16 -21.05
N ALA A 208 15.38 -1.38 -21.61
CA ALA A 208 15.00 -2.55 -20.79
C ALA A 208 16.15 -2.90 -19.82
N MET A 209 17.40 -2.82 -20.29
CA MET A 209 18.58 -3.08 -19.44
C MET A 209 18.63 -2.11 -18.25
N LYS A 210 18.39 -0.80 -18.50
CA LYS A 210 18.40 0.25 -17.46
C LYS A 210 17.35 0.02 -16.36
N GLU A 211 16.29 -0.74 -16.66
CA GLU A 211 15.21 -1.07 -15.73
C GLU A 211 15.56 -2.31 -14.87
N ASP A 212 16.55 -3.13 -15.30
CA ASP A 212 16.96 -4.34 -14.56
C ASP A 212 17.54 -3.96 -13.20
N PRO A 213 17.07 -4.60 -12.09
CA PRO A 213 17.58 -4.25 -10.74
C PRO A 213 19.11 -4.31 -10.61
N THR A 214 19.77 -5.37 -11.15
CA THR A 214 21.23 -5.53 -11.10
C THR A 214 21.94 -4.38 -11.86
N VAL A 215 21.53 -4.11 -13.11
CA VAL A 215 22.10 -3.04 -13.94
C VAL A 215 21.95 -1.69 -13.24
N SER A 216 20.74 -1.38 -12.75
CA SER A 216 20.40 -0.13 -12.09
C SER A 216 21.27 0.14 -10.85
N ALA A 217 21.52 -0.90 -10.04
CA ALA A 217 22.34 -0.78 -8.82
C ALA A 217 23.82 -0.50 -9.12
N LEU A 218 24.29 -0.85 -10.32
CA LEU A 218 25.69 -0.66 -10.72
C LEU A 218 25.85 0.50 -11.71
N LEU A 219 24.78 1.29 -11.93
CA LEU A 219 24.83 2.43 -12.84
C LEU A 219 25.71 3.55 -12.27
N THR A 220 26.56 4.14 -13.12
CA THR A 220 27.47 5.24 -12.78
C THR A 220 26.89 6.52 -13.37
N SER A 221 26.82 7.58 -12.57
CA SER A 221 26.30 8.87 -12.99
C SER A 221 27.09 9.44 -14.19
N GLU A 222 26.42 10.26 -15.01
CA GLU A 222 26.99 10.93 -16.19
C GLU A 222 28.18 11.81 -15.77
N LYS A 223 28.09 12.47 -14.60
CA LYS A 223 29.14 13.33 -14.04
C LYS A 223 30.41 12.55 -13.68
N ASP A 224 30.23 11.34 -13.09
CA ASP A 224 31.35 10.47 -12.69
C ASP A 224 32.07 9.96 -13.93
N TRP A 225 31.33 9.55 -15.00
CA TRP A 225 31.93 9.14 -16.27
C TRP A 225 32.80 10.26 -16.83
N GLN A 226 32.28 11.51 -16.82
CA GLN A 226 32.97 12.69 -17.33
C GLN A 226 34.24 13.00 -16.54
N GLY A 227 34.15 12.92 -15.21
CA GLY A 227 35.27 13.14 -14.32
C GLY A 227 36.41 12.17 -14.59
N PHE A 228 36.08 10.90 -14.84
CA PHE A 228 37.07 9.89 -15.16
C PHE A 228 37.71 10.17 -16.51
N LEU A 229 36.88 10.36 -17.56
CA LEU A 229 37.30 10.58 -18.96
C LEU A 229 38.27 11.76 -19.06
N GLU A 230 37.94 12.89 -18.41
CA GLU A 230 38.77 14.09 -18.41
C GLU A 230 40.17 13.77 -17.86
N LEU A 231 40.24 13.10 -16.69
CA LEU A 231 41.51 12.76 -16.04
C LEU A 231 42.26 11.66 -16.81
N TYR A 232 41.54 10.75 -17.50
CA TYR A 232 42.11 9.68 -18.35
C TYR A 232 42.82 10.30 -19.58
N LEU A 233 42.20 11.32 -20.21
CA LEU A 233 42.76 12.02 -21.36
C LEU A 233 43.95 12.90 -20.96
N GLN A 234 44.05 13.23 -19.67
CA GLN A 234 45.15 14.02 -19.10
C GLN A 234 46.26 13.09 -18.59
N ASN A 235 46.05 11.75 -18.66
CA ASN A 235 46.94 10.67 -18.20
C ASN A 235 47.27 10.85 -16.71
N SER A 236 46.26 11.26 -15.93
CA SER A 236 46.41 11.52 -14.50
C SER A 236 46.30 10.21 -13.70
N PRO A 237 47.15 9.99 -12.67
CA PRO A 237 47.01 8.77 -11.87
C PRO A 237 45.88 8.90 -10.82
N GLU A 238 45.04 9.94 -10.94
CA GLU A 238 43.88 10.15 -10.06
C GLU A 238 42.60 9.76 -10.79
N ALA A 239 42.71 9.44 -12.09
CA ALA A 239 41.57 9.08 -12.94
C ALA A 239 40.73 7.96 -12.36
N CYS A 240 41.36 6.87 -11.90
CA CYS A 240 40.66 5.70 -11.38
C CYS A 240 39.92 5.98 -10.06
N ASP A 241 40.29 7.06 -9.36
CA ASP A 241 39.69 7.37 -8.07
C ASP A 241 38.72 8.55 -8.10
N TYR A 242 38.29 9.02 -9.29
CA TYR A 242 37.34 10.14 -9.39
C TYR A 242 36.01 9.83 -8.67
N GLY A 243 35.52 10.80 -7.90
CA GLY A 243 34.26 10.70 -7.17
C GLY A 243 34.30 9.76 -5.98
N LEU A 244 35.44 9.77 -5.24
CA LEU A 244 35.76 8.97 -4.04
C LEU A 244 35.70 7.47 -4.32
N SER B 8 -20.35 -19.82 -16.17
CA SER B 8 -19.82 -20.63 -15.07
C SER B 8 -19.36 -19.69 -13.94
N ALA B 9 -18.08 -19.29 -13.95
CA ALA B 9 -17.54 -18.32 -13.02
C ALA B 9 -17.50 -16.95 -13.73
N ARG B 10 -17.92 -16.93 -15.01
CA ARG B 10 -17.98 -15.74 -15.85
C ARG B 10 -18.87 -14.70 -15.20
N SER B 11 -18.39 -13.45 -15.14
CA SER B 11 -19.09 -12.32 -14.54
C SER B 11 -20.33 -11.94 -15.36
N LEU B 12 -21.39 -11.46 -14.69
CA LEU B 12 -22.60 -11.02 -15.37
C LEU B 12 -22.55 -9.53 -15.58
N GLY B 13 -22.89 -9.09 -16.81
CA GLY B 13 -22.88 -7.69 -17.19
C GLY B 13 -24.22 -7.16 -17.65
N LYS B 14 -24.22 -5.98 -18.32
CA LYS B 14 -25.43 -5.34 -18.86
C LYS B 14 -26.18 -6.29 -19.78
N GLY B 15 -27.48 -6.44 -19.53
CA GLY B 15 -28.34 -7.30 -20.35
C GLY B 15 -28.56 -8.70 -19.82
N SER B 16 -27.80 -9.12 -18.79
CA SER B 16 -27.97 -10.45 -18.19
C SER B 16 -29.28 -10.52 -17.41
N ALA B 17 -29.86 -11.72 -17.30
CA ALA B 17 -31.10 -11.90 -16.54
C ALA B 17 -30.84 -11.79 -15.03
N PRO B 18 -31.68 -11.05 -14.26
CA PRO B 18 -31.46 -10.99 -12.81
C PRO B 18 -31.57 -12.38 -12.20
N PRO B 19 -30.68 -12.74 -11.25
CA PRO B 19 -30.68 -14.11 -10.69
C PRO B 19 -31.96 -14.50 -9.96
N GLY B 20 -32.17 -15.81 -9.84
CA GLY B 20 -33.32 -16.38 -9.14
C GLY B 20 -33.16 -16.34 -7.62
N PRO B 21 -34.22 -16.70 -6.85
CA PRO B 21 -34.10 -16.65 -5.38
C PRO B 21 -33.01 -17.56 -4.82
N VAL B 22 -32.38 -17.14 -3.71
CA VAL B 22 -31.34 -17.92 -3.05
C VAL B 22 -32.05 -19.07 -2.30
N PRO B 23 -31.64 -20.36 -2.49
CA PRO B 23 -32.36 -21.44 -1.82
C PRO B 23 -32.09 -21.54 -0.32
N GLU B 24 -33.01 -22.19 0.43
CA GLU B 24 -32.89 -22.43 1.88
C GLU B 24 -31.58 -23.15 2.20
N GLY B 25 -30.94 -22.74 3.30
CA GLY B 25 -29.68 -23.30 3.77
C GLY B 25 -28.46 -22.80 3.01
N SER B 26 -28.66 -21.79 2.16
CA SER B 26 -27.58 -21.22 1.36
C SER B 26 -27.62 -19.70 1.39
N ILE B 27 -26.48 -19.11 1.06
CA ILE B 27 -26.32 -17.66 0.97
C ILE B 27 -25.58 -17.37 -0.32
N ARG B 28 -25.87 -16.25 -0.94
CA ARG B 28 -25.20 -15.86 -2.17
C ARG B 28 -24.29 -14.67 -1.90
N ILE B 29 -23.13 -14.66 -2.56
CA ILE B 29 -22.24 -13.53 -2.55
C ILE B 29 -22.10 -13.01 -3.99
N TYR B 30 -22.31 -11.70 -4.17
CA TYR B 30 -22.07 -10.97 -5.41
C TYR B 30 -20.65 -10.52 -5.27
N SER B 31 -19.76 -11.03 -6.13
CA SER B 31 -18.32 -10.82 -6.01
C SER B 31 -17.68 -10.46 -7.36
N MET B 32 -16.34 -10.43 -7.38
CA MET B 32 -15.44 -10.25 -8.53
C MET B 32 -14.15 -10.92 -8.11
N ARG B 33 -13.67 -11.88 -8.91
CA ARG B 33 -12.52 -12.76 -8.57
C ARG B 33 -11.22 -12.05 -8.19
N PHE B 34 -11.00 -10.80 -8.64
CA PHE B 34 -9.76 -10.07 -8.34
C PHE B 34 -9.98 -8.91 -7.35
N CYS B 35 -11.22 -8.72 -6.86
CA CYS B 35 -11.55 -7.66 -5.90
C CYS B 35 -11.07 -8.00 -4.48
N PRO B 36 -10.13 -7.18 -3.91
CA PRO B 36 -9.67 -7.44 -2.53
C PRO B 36 -10.76 -7.27 -1.47
N PHE B 37 -11.73 -6.34 -1.68
CA PHE B 37 -12.83 -6.10 -0.74
C PHE B 37 -13.77 -7.32 -0.70
N ALA B 38 -14.10 -7.88 -1.87
CA ALA B 38 -14.97 -9.08 -1.96
C ALA B 38 -14.24 -10.33 -1.40
N GLU B 39 -12.90 -10.36 -1.51
CA GLU B 39 -12.07 -11.44 -1.01
C GLU B 39 -12.18 -11.54 0.53
N ARG B 40 -12.33 -10.39 1.23
CA ARG B 40 -12.52 -10.40 2.67
C ARG B 40 -13.66 -11.33 3.03
N THR B 41 -14.83 -11.12 2.38
CA THR B 41 -16.06 -11.91 2.56
C THR B 41 -15.86 -13.37 2.20
N ARG B 42 -15.11 -13.66 1.13
CA ARG B 42 -14.86 -15.03 0.67
C ARG B 42 -13.92 -15.76 1.61
N LEU B 43 -12.99 -15.05 2.27
CA LEU B 43 -12.10 -15.65 3.26
C LEU B 43 -12.92 -16.08 4.49
N VAL B 44 -13.92 -15.25 4.85
CA VAL B 44 -14.81 -15.53 5.99
C VAL B 44 -15.74 -16.71 5.63
N LEU B 45 -16.32 -16.71 4.39
CA LEU B 45 -17.19 -17.82 3.95
C LEU B 45 -16.42 -19.15 4.03
N LYS B 46 -15.15 -19.16 3.59
CA LYS B 46 -14.29 -20.34 3.64
C LYS B 46 -13.90 -20.71 5.09
N ALA B 47 -13.42 -19.73 5.91
CA ALA B 47 -12.97 -20.01 7.28
C ALA B 47 -14.08 -20.58 8.16
N LYS B 48 -15.32 -20.14 7.94
CA LYS B 48 -16.46 -20.61 8.74
C LYS B 48 -17.17 -21.81 8.12
N GLY B 49 -16.73 -22.24 6.93
CA GLY B 49 -17.32 -23.38 6.23
C GLY B 49 -18.77 -23.18 5.85
N ILE B 50 -19.11 -21.97 5.40
CA ILE B 50 -20.50 -21.63 5.06
C ILE B 50 -20.81 -22.08 3.64
N ARG B 51 -21.91 -22.84 3.47
CA ARG B 51 -22.40 -23.28 2.17
C ARG B 51 -22.94 -22.03 1.46
N HIS B 52 -22.49 -21.78 0.22
CA HIS B 52 -22.86 -20.57 -0.50
C HIS B 52 -22.68 -20.70 -2.01
N GLU B 53 -23.21 -19.72 -2.76
CA GLU B 53 -23.03 -19.63 -4.20
C GLU B 53 -22.37 -18.29 -4.52
N VAL B 54 -21.58 -18.26 -5.61
CA VAL B 54 -20.88 -17.06 -6.02
C VAL B 54 -21.41 -16.61 -7.38
N ILE B 55 -21.72 -15.32 -7.49
CA ILE B 55 -22.13 -14.69 -8.73
C ILE B 55 -21.15 -13.58 -8.95
N ASN B 56 -20.34 -13.68 -10.00
CA ASN B 56 -19.35 -12.64 -10.29
C ASN B 56 -20.02 -11.52 -11.10
N ILE B 57 -19.62 -10.26 -10.83
CA ILE B 57 -20.17 -9.07 -11.47
C ILE B 57 -19.08 -8.39 -12.28
N ASN B 58 -19.39 -8.06 -13.55
CA ASN B 58 -18.46 -7.34 -14.42
C ASN B 58 -18.53 -5.88 -13.99
N LEU B 59 -17.53 -5.45 -13.21
CA LEU B 59 -17.44 -4.11 -12.63
C LEU B 59 -17.23 -2.99 -13.68
N LYS B 60 -16.89 -3.34 -14.93
CA LYS B 60 -16.71 -2.34 -15.99
C LYS B 60 -17.96 -2.25 -16.88
N ASN B 61 -18.87 -3.23 -16.72
CA ASN B 61 -20.11 -3.35 -17.49
C ASN B 61 -21.22 -3.86 -16.56
N LYS B 62 -21.46 -3.11 -15.47
CA LYS B 62 -22.39 -3.48 -14.39
C LYS B 62 -23.85 -3.68 -14.85
N PRO B 63 -24.47 -4.83 -14.48
CA PRO B 63 -25.89 -5.04 -14.85
C PRO B 63 -26.80 -4.09 -14.06
N GLU B 64 -27.88 -3.63 -14.70
CA GLU B 64 -28.88 -2.72 -14.14
C GLU B 64 -29.47 -3.26 -12.84
N TRP B 65 -29.88 -4.54 -12.80
CA TRP B 65 -30.47 -5.20 -11.62
C TRP B 65 -29.53 -5.22 -10.40
N PHE B 66 -28.20 -5.09 -10.60
CA PHE B 66 -27.21 -5.10 -9.51
C PHE B 66 -27.36 -3.86 -8.62
N PHE B 67 -27.91 -2.76 -9.17
CA PHE B 67 -28.13 -1.54 -8.40
C PHE B 67 -29.32 -1.71 -7.45
N LYS B 68 -30.14 -2.76 -7.67
CA LYS B 68 -31.25 -3.14 -6.80
C LYS B 68 -30.71 -3.99 -5.63
N LYS B 69 -29.51 -4.58 -5.81
CA LYS B 69 -28.82 -5.37 -4.78
C LYS B 69 -28.03 -4.43 -3.86
N ASN B 70 -27.34 -3.46 -4.46
CA ASN B 70 -26.55 -2.43 -3.77
C ASN B 70 -26.68 -1.12 -4.54
N PRO B 71 -27.25 -0.05 -3.93
CA PRO B 71 -27.36 1.25 -4.65
C PRO B 71 -25.99 1.91 -4.93
N PHE B 72 -24.93 1.54 -4.17
CA PHE B 72 -23.56 2.03 -4.37
C PHE B 72 -22.93 1.36 -5.61
N GLY B 73 -23.52 0.24 -6.04
CA GLY B 73 -23.07 -0.56 -7.19
C GLY B 73 -21.73 -1.24 -6.99
N LEU B 74 -21.40 -1.62 -5.75
CA LEU B 74 -20.12 -2.27 -5.43
C LEU B 74 -20.27 -3.67 -4.85
N VAL B 75 -19.25 -4.50 -5.09
CA VAL B 75 -19.15 -5.84 -4.50
C VAL B 75 -18.25 -5.71 -3.26
N PRO B 76 -18.38 -6.55 -2.21
CA PRO B 76 -19.29 -7.70 -2.08
C PRO B 76 -20.69 -7.33 -1.64
N VAL B 77 -21.65 -8.18 -2.00
CA VAL B 77 -23.04 -8.09 -1.56
C VAL B 77 -23.47 -9.50 -1.13
N LEU B 78 -24.08 -9.62 0.06
CA LEU B 78 -24.63 -10.89 0.51
C LEU B 78 -26.15 -10.89 0.27
N GLU B 79 -26.69 -12.01 -0.19
CA GLU B 79 -28.13 -12.18 -0.38
C GLU B 79 -28.53 -13.55 0.17
N ASN B 80 -29.48 -13.57 1.12
CA ASN B 80 -29.90 -14.84 1.74
C ASN B 80 -31.26 -15.31 1.17
N SER B 81 -31.79 -16.45 1.68
CA SER B 81 -33.05 -17.04 1.21
C SER B 81 -34.27 -16.17 1.49
N GLN B 82 -34.24 -15.30 2.53
CA GLN B 82 -35.39 -14.42 2.76
C GLN B 82 -35.26 -13.10 1.96
N GLY B 83 -34.27 -13.05 1.07
CA GLY B 83 -34.03 -11.90 0.18
C GLY B 83 -33.35 -10.71 0.81
N GLN B 84 -32.80 -10.88 2.03
CA GLN B 84 -32.09 -9.80 2.75
C GLN B 84 -30.76 -9.51 2.04
N LEU B 85 -30.42 -8.21 1.90
CA LEU B 85 -29.23 -7.73 1.21
C LEU B 85 -28.27 -7.01 2.17
N ILE B 86 -26.98 -7.39 2.17
CA ILE B 86 -25.96 -6.85 3.06
C ILE B 86 -24.75 -6.45 2.20
N TYR B 87 -24.34 -5.18 2.30
CA TYR B 87 -23.18 -4.68 1.56
C TYR B 87 -22.21 -3.95 2.50
N GLU B 88 -21.02 -3.59 1.97
CA GLU B 88 -19.81 -3.02 2.62
C GLU B 88 -19.08 -4.21 3.18
N SER B 89 -17.84 -4.45 2.72
CA SER B 89 -17.05 -5.65 3.04
C SER B 89 -16.97 -5.96 4.52
N ALA B 90 -16.68 -4.96 5.39
CA ALA B 90 -16.58 -5.23 6.85
C ALA B 90 -17.94 -5.64 7.43
N ILE B 91 -19.04 -4.96 7.03
CA ILE B 91 -20.39 -5.32 7.50
C ILE B 91 -20.72 -6.79 7.10
N THR B 92 -20.42 -7.19 5.85
CA THR B 92 -20.71 -8.56 5.38
C THR B 92 -19.98 -9.60 6.22
N CYS B 93 -18.70 -9.32 6.54
CA CYS B 93 -17.84 -10.22 7.34
C CYS B 93 -18.38 -10.35 8.77
N GLU B 94 -18.78 -9.25 9.40
CA GLU B 94 -19.33 -9.24 10.77
C GLU B 94 -20.65 -9.99 10.80
N TYR B 95 -21.49 -9.78 9.78
CA TYR B 95 -22.79 -10.47 9.65
C TYR B 95 -22.60 -12.00 9.62
N LEU B 96 -21.71 -12.51 8.74
CA LEU B 96 -21.43 -13.97 8.61
C LEU B 96 -20.89 -14.56 9.89
N ASP B 97 -20.05 -13.81 10.61
CA ASP B 97 -19.47 -14.26 11.89
C ASP B 97 -20.57 -14.39 12.96
N GLU B 98 -21.61 -13.54 12.86
CA GLU B 98 -22.74 -13.56 13.82
C GLU B 98 -23.89 -14.50 13.42
N ALA B 99 -24.15 -14.67 12.12
CA ALA B 99 -25.32 -15.44 11.67
C ALA B 99 -25.02 -16.91 11.41
N TYR B 100 -23.73 -17.32 11.50
CA TYR B 100 -23.40 -18.72 11.18
C TYR B 100 -22.67 -19.40 12.34
N PRO B 101 -22.85 -20.74 12.51
CA PRO B 101 -22.24 -21.40 13.67
C PRO B 101 -20.73 -21.61 13.52
N GLY B 102 -20.11 -21.99 14.63
CA GLY B 102 -18.68 -22.24 14.71
C GLY B 102 -17.97 -21.23 15.58
N LYS B 103 -16.65 -21.32 15.61
CA LYS B 103 -15.78 -20.43 16.38
C LYS B 103 -15.85 -19.00 15.81
N LYS B 104 -15.92 -18.02 16.71
CA LYS B 104 -16.01 -16.60 16.32
C LYS B 104 -14.67 -16.11 15.79
N LEU B 105 -14.68 -15.49 14.58
CA LEU B 105 -13.49 -14.88 13.99
C LEU B 105 -13.22 -13.53 14.69
N LEU B 106 -14.29 -12.80 15.04
CA LEU B 106 -14.19 -11.57 15.84
C LEU B 106 -14.32 -11.98 17.29
N PRO B 107 -13.36 -11.65 18.18
CA PRO B 107 -13.51 -12.09 19.59
C PRO B 107 -14.76 -11.50 20.26
N ASP B 108 -15.37 -12.28 21.17
CA ASP B 108 -16.57 -11.88 21.88
C ASP B 108 -16.30 -10.85 22.96
N ASP B 109 -15.05 -10.78 23.47
CA ASP B 109 -14.69 -9.80 24.50
C ASP B 109 -14.79 -8.36 23.91
N PRO B 110 -15.59 -7.46 24.53
CA PRO B 110 -15.79 -6.11 23.96
C PRO B 110 -14.52 -5.33 23.64
N TYR B 111 -13.55 -5.29 24.55
CA TYR B 111 -12.30 -4.57 24.31
C TYR B 111 -11.50 -5.19 23.16
N GLU B 112 -11.35 -6.52 23.16
CA GLU B 112 -10.61 -7.26 22.13
C GLU B 112 -11.22 -7.05 20.74
N LYS B 113 -12.55 -7.01 20.66
CA LYS B 113 -13.27 -6.74 19.41
C LYS B 113 -13.04 -5.28 19.01
N ALA B 114 -13.12 -4.34 19.97
CA ALA B 114 -12.85 -2.91 19.72
C ALA B 114 -11.45 -2.72 19.14
N CYS B 115 -10.43 -3.47 19.66
CA CYS B 115 -9.04 -3.43 19.19
C CYS B 115 -8.93 -3.82 17.73
N GLN B 116 -9.63 -4.90 17.30
CA GLN B 116 -9.60 -5.36 15.92
C GLN B 116 -10.14 -4.26 15.00
N LYS B 117 -11.23 -3.62 15.42
CA LYS B 117 -11.85 -2.54 14.66
C LYS B 117 -10.94 -1.27 14.68
N MET B 118 -10.18 -1.02 15.77
CA MET B 118 -9.26 0.13 15.78
C MET B 118 -8.10 -0.12 14.81
N ILE B 119 -7.64 -1.38 14.69
CA ILE B 119 -6.56 -1.77 13.76
C ILE B 119 -7.09 -1.63 12.34
N LEU B 120 -8.36 -2.00 12.10
CA LEU B 120 -8.98 -1.87 10.79
C LEU B 120 -8.96 -0.40 10.35
N GLU B 121 -9.29 0.51 11.28
CA GLU B 121 -9.26 1.96 11.03
C GLU B 121 -7.82 2.41 10.78
N LEU B 122 -6.85 1.82 11.50
CA LEU B 122 -5.44 2.15 11.33
C LEU B 122 -4.96 1.77 9.91
N PHE B 123 -5.47 0.65 9.38
CA PHE B 123 -5.16 0.12 8.07
C PHE B 123 -5.89 0.88 6.92
N SER B 124 -6.97 1.62 7.23
CA SER B 124 -7.87 2.29 6.25
C SER B 124 -7.17 3.10 5.13
N LYS B 125 -5.90 3.52 5.30
CA LYS B 125 -5.22 4.28 4.25
C LYS B 125 -4.63 3.37 3.15
N VAL B 126 -4.26 2.12 3.48
CA VAL B 126 -3.62 1.18 2.54
C VAL B 126 -4.52 0.90 1.28
N PRO B 127 -5.84 0.54 1.36
CA PRO B 127 -6.59 0.27 0.11
C PRO B 127 -6.62 1.44 -0.89
N SER B 128 -6.72 2.69 -0.40
CA SER B 128 -6.76 3.88 -1.26
C SER B 128 -5.39 4.11 -1.90
N LEU B 129 -4.30 3.86 -1.16
CA LEU B 129 -2.93 3.99 -1.66
C LEU B 129 -2.66 2.95 -2.76
N VAL B 130 -3.16 1.71 -2.55
CA VAL B 130 -3.07 0.61 -3.52
C VAL B 130 -3.79 1.05 -4.82
N GLY B 131 -5.01 1.57 -4.67
CA GLY B 131 -5.83 2.08 -5.77
C GLY B 131 -5.15 3.15 -6.59
N SER B 132 -4.43 4.08 -5.89
CA SER B 132 -3.67 5.15 -6.53
C SER B 132 -2.39 4.62 -7.19
N PHE B 133 -1.73 3.62 -6.57
CA PHE B 133 -0.46 3.06 -7.07
C PHE B 133 -0.60 2.31 -8.41
N ILE B 134 -1.66 1.49 -8.62
CA ILE B 134 -1.83 0.74 -9.88
C ILE B 134 -1.89 1.70 -11.08
N ARG B 135 -2.67 2.78 -10.96
CA ARG B 135 -2.93 3.79 -12.00
C ARG B 135 -1.74 4.76 -12.23
N SER B 136 -0.75 4.81 -11.31
CA SER B 136 0.42 5.70 -11.40
C SER B 136 1.18 5.56 -12.71
N GLN B 137 1.56 6.71 -13.32
CA GLN B 137 2.24 6.78 -14.60
C GLN B 137 3.76 6.99 -14.43
N ASN B 138 4.18 8.19 -13.96
CA ASN B 138 5.60 8.56 -13.81
C ASN B 138 6.24 7.95 -12.55
N LYS B 139 7.59 7.79 -12.59
CA LYS B 139 8.42 7.22 -11.53
C LYS B 139 8.62 8.16 -10.34
N GLU B 140 8.43 9.49 -10.54
CA GLU B 140 8.57 10.51 -9.48
C GLU B 140 7.51 10.30 -8.39
N ASP B 141 6.34 9.75 -8.78
CA ASP B 141 5.24 9.41 -7.88
C ASP B 141 5.61 8.15 -7.10
N TYR B 142 6.02 7.08 -7.83
CA TYR B 142 6.42 5.74 -7.35
C TYR B 142 7.32 5.81 -6.11
N ALA B 143 8.33 6.70 -6.10
CA ALA B 143 9.26 6.86 -4.99
C ALA B 143 8.55 7.39 -3.73
N GLY B 144 7.67 8.38 -3.91
CA GLY B 144 6.88 8.99 -2.85
C GLY B 144 5.82 8.07 -2.28
N LEU B 145 5.12 7.33 -3.18
CA LEU B 145 4.07 6.36 -2.86
C LEU B 145 4.64 5.21 -2.03
N LYS B 146 5.84 4.71 -2.41
CA LYS B 146 6.56 3.66 -1.71
C LYS B 146 6.83 4.09 -0.27
N GLU B 147 7.19 5.39 -0.07
CA GLU B 147 7.45 5.97 1.24
C GLU B 147 6.13 6.13 2.03
N GLU B 148 4.99 6.33 1.33
CA GLU B 148 3.67 6.41 1.98
C GLU B 148 3.28 5.03 2.49
N PHE B 149 3.58 3.98 1.71
CA PHE B 149 3.33 2.59 2.10
C PHE B 149 4.19 2.24 3.31
N ARG B 150 5.49 2.58 3.28
CA ARG B 150 6.42 2.30 4.38
C ARG B 150 5.93 2.87 5.71
N LYS B 151 5.44 4.13 5.73
CA LYS B 151 4.94 4.76 6.95
C LYS B 151 3.65 4.12 7.45
N GLU B 152 2.77 3.64 6.53
CA GLU B 152 1.53 2.96 6.92
C GLU B 152 1.86 1.59 7.48
N PHE B 153 2.86 0.92 6.89
CA PHE B 153 3.28 -0.42 7.32
C PHE B 153 3.99 -0.36 8.68
N THR B 154 4.71 0.75 9.00
CA THR B 154 5.36 0.90 10.31
C THR B 154 4.31 0.97 11.41
N LYS B 155 3.13 1.56 11.12
CA LYS B 155 1.99 1.63 12.05
C LYS B 155 1.52 0.22 12.41
N LEU B 156 1.47 -0.67 11.40
CA LEU B 156 1.05 -2.07 11.59
C LEU B 156 2.16 -2.84 12.29
N GLU B 157 3.44 -2.49 12.00
CA GLU B 157 4.60 -3.09 12.65
C GLU B 157 4.56 -2.79 14.16
N GLU B 158 4.19 -1.55 14.53
CA GLU B 158 4.07 -1.10 15.93
C GLU B 158 3.01 -1.89 16.68
N VAL B 159 1.88 -2.20 16.01
CA VAL B 159 0.76 -2.98 16.58
C VAL B 159 1.26 -4.37 16.99
N LEU B 160 1.97 -5.07 16.09
CA LEU B 160 2.53 -6.42 16.31
C LEU B 160 3.56 -6.42 17.43
N THR B 161 4.35 -5.33 17.54
CA THR B 161 5.37 -5.12 18.56
C THR B 161 4.69 -4.98 19.93
N ASN B 162 3.66 -4.10 20.05
CA ASN B 162 2.92 -3.87 21.30
C ASN B 162 2.13 -5.12 21.75
N LYS B 163 1.63 -5.89 20.78
CA LYS B 163 0.85 -7.10 21.03
C LYS B 163 1.72 -8.28 21.40
N LYS B 164 2.99 -8.29 20.93
CA LYS B 164 3.98 -9.36 21.18
C LYS B 164 3.45 -10.73 20.66
N THR B 165 2.63 -10.71 19.59
CA THR B 165 2.06 -11.93 19.00
C THR B 165 2.31 -11.94 17.50
N THR B 166 2.22 -13.15 16.89
CA THR B 166 2.44 -13.37 15.46
C THR B 166 1.35 -12.66 14.62
N PHE B 167 0.09 -12.66 15.08
CA PHE B 167 -1.04 -12.09 14.33
C PHE B 167 -1.58 -10.84 15.01
N PHE B 168 -2.44 -10.08 14.30
CA PHE B 168 -2.95 -8.79 14.77
C PHE B 168 -3.97 -8.91 15.91
N GLY B 169 -4.55 -10.09 16.11
CA GLY B 169 -5.50 -10.31 17.20
C GLY B 169 -5.07 -11.35 18.23
N GLY B 170 -3.81 -11.77 18.18
CA GLY B 170 -3.29 -12.79 19.09
C GLY B 170 -2.34 -13.77 18.44
N ASN B 171 -2.13 -14.95 19.09
CA ASN B 171 -1.20 -15.98 18.61
C ASN B 171 -1.83 -16.88 17.55
N SER B 172 -3.13 -16.72 17.27
CA SER B 172 -3.80 -17.46 16.21
C SER B 172 -4.55 -16.47 15.32
N ILE B 173 -4.82 -16.88 14.06
CA ILE B 173 -5.47 -16.05 13.05
C ILE B 173 -6.90 -15.70 13.49
N SER B 174 -7.35 -14.47 13.16
CA SER B 174 -8.69 -14.03 13.51
C SER B 174 -9.21 -13.09 12.44
N MET B 175 -10.41 -12.52 12.65
CA MET B 175 -11.07 -11.66 11.65
C MET B 175 -10.16 -10.59 11.10
N ILE B 176 -9.49 -9.81 11.96
CA ILE B 176 -8.62 -8.69 11.52
C ILE B 176 -7.57 -9.14 10.47
N ASP B 177 -6.97 -10.32 10.65
CA ASP B 177 -5.95 -10.81 9.71
C ASP B 177 -6.54 -10.98 8.33
N TYR B 178 -7.74 -11.61 8.24
CA TYR B 178 -8.46 -11.79 6.96
C TYR B 178 -8.91 -10.46 6.35
N LEU B 179 -9.23 -9.46 7.19
CA LEU B 179 -9.65 -8.15 6.69
C LEU B 179 -8.50 -7.38 6.05
N ILE B 180 -7.27 -7.55 6.51
CA ILE B 180 -6.20 -6.76 5.92
C ILE B 180 -5.39 -7.58 4.90
N TRP B 181 -5.42 -8.93 4.97
CA TRP B 181 -4.64 -9.81 4.10
C TRP B 181 -4.72 -9.51 2.58
N PRO B 182 -5.89 -9.26 1.93
CA PRO B 182 -5.90 -9.11 0.46
C PRO B 182 -4.92 -8.09 -0.11
N TRP B 183 -4.70 -6.96 0.58
CA TRP B 183 -3.81 -5.93 0.05
C TRP B 183 -2.33 -6.36 0.18
N PHE B 184 -1.97 -7.16 1.20
CA PHE B 184 -0.60 -7.68 1.35
C PHE B 184 -0.36 -8.83 0.36
N GLU B 185 -1.42 -9.57 0.01
CA GLU B 185 -1.38 -10.67 -0.97
C GLU B 185 -0.95 -10.17 -2.35
N ARG B 186 -1.34 -8.92 -2.68
CA ARG B 186 -1.10 -8.25 -3.97
C ARG B 186 0.19 -7.40 -4.01
N LEU B 187 1.03 -7.40 -2.94
CA LEU B 187 2.26 -6.59 -2.92
C LEU B 187 3.26 -7.00 -4.01
N GLU B 188 3.59 -8.31 -4.09
CA GLU B 188 4.55 -8.88 -5.06
C GLU B 188 4.17 -8.52 -6.51
N ALA B 189 2.89 -8.69 -6.87
CA ALA B 189 2.36 -8.40 -8.21
C ALA B 189 2.54 -6.93 -8.55
N MET B 190 2.36 -6.05 -7.55
CA MET B 190 2.50 -4.60 -7.65
C MET B 190 3.95 -4.15 -7.53
N LYS B 191 4.87 -5.11 -7.24
CA LYS B 191 6.32 -4.94 -7.07
C LYS B 191 6.62 -3.97 -5.90
N LEU B 192 5.86 -4.10 -4.80
CA LEU B 192 6.02 -3.28 -3.60
C LEU B 192 6.60 -4.10 -2.45
N ASN B 193 7.24 -5.22 -2.77
CA ASN B 193 7.86 -6.16 -1.82
C ASN B 193 8.91 -5.49 -0.91
N GLU B 194 9.62 -4.45 -1.39
CA GLU B 194 10.63 -3.72 -0.62
C GLU B 194 10.01 -2.83 0.47
N CYS B 195 8.70 -2.51 0.35
CA CYS B 195 8.01 -1.66 1.33
C CYS B 195 7.86 -2.35 2.70
N VAL B 196 8.22 -3.65 2.82
CA VAL B 196 8.12 -4.37 4.10
C VAL B 196 9.49 -4.86 4.63
N ASP B 197 10.63 -4.57 3.94
CA ASP B 197 11.94 -5.04 4.42
C ASP B 197 12.48 -4.23 5.63
N HIS B 198 11.71 -3.24 6.13
CA HIS B 198 12.01 -2.48 7.35
C HIS B 198 11.01 -2.88 8.45
N THR B 199 10.02 -3.72 8.11
CA THR B 199 9.00 -4.20 9.04
C THR B 199 9.14 -5.74 9.18
N PRO B 200 10.06 -6.26 10.03
CA PRO B 200 10.28 -7.73 10.10
C PRO B 200 9.11 -8.55 10.67
N LYS B 201 8.36 -8.02 11.67
CA LYS B 201 7.21 -8.74 12.26
C LYS B 201 6.08 -8.85 11.25
N LEU B 202 5.89 -7.80 10.44
CA LEU B 202 4.87 -7.77 9.40
C LEU B 202 5.22 -8.77 8.30
N LYS B 203 6.53 -8.94 8.01
CA LYS B 203 7.01 -9.91 7.01
C LYS B 203 6.73 -11.33 7.47
N LEU B 204 6.97 -11.60 8.78
CA LEU B 204 6.74 -12.89 9.42
C LEU B 204 5.25 -13.19 9.46
N TRP B 205 4.44 -12.13 9.65
CA TRP B 205 2.97 -12.25 9.62
C TRP B 205 2.53 -12.70 8.21
N MET B 206 3.11 -12.09 7.16
CA MET B 206 2.81 -12.44 5.77
C MET B 206 3.14 -13.90 5.47
N ALA B 207 4.27 -14.41 5.99
CA ALA B 207 4.65 -15.80 5.78
C ALA B 207 3.71 -16.74 6.56
N ALA B 208 3.29 -16.34 7.78
CA ALA B 208 2.35 -17.15 8.57
C ALA B 208 0.99 -17.21 7.87
N MET B 209 0.54 -16.08 7.31
CA MET B 209 -0.73 -16.02 6.58
C MET B 209 -0.75 -16.99 5.37
N LYS B 210 0.36 -17.08 4.63
CA LYS B 210 0.48 -17.92 3.43
C LYS B 210 0.34 -19.42 3.75
N GLU B 211 0.67 -19.82 4.99
CA GLU B 211 0.57 -21.18 5.51
C GLU B 211 -0.85 -21.46 6.04
N ASP B 212 -1.69 -20.42 6.20
CA ASP B 212 -3.07 -20.63 6.70
C ASP B 212 -3.88 -21.38 5.63
N PRO B 213 -4.55 -22.52 5.98
CA PRO B 213 -5.32 -23.28 4.96
C PRO B 213 -6.35 -22.43 4.20
N THR B 214 -7.07 -21.54 4.88
CA THR B 214 -8.09 -20.67 4.27
C THR B 214 -7.44 -19.71 3.27
N VAL B 215 -6.40 -18.98 3.72
CA VAL B 215 -5.65 -18.05 2.87
C VAL B 215 -5.11 -18.82 1.65
N SER B 216 -4.45 -19.97 1.90
CA SER B 216 -3.84 -20.84 0.90
C SER B 216 -4.81 -21.27 -0.20
N ALA B 217 -6.03 -21.67 0.18
CA ALA B 217 -7.07 -22.12 -0.75
C ALA B 217 -7.58 -20.97 -1.66
N LEU B 218 -7.43 -19.69 -1.25
CA LEU B 218 -7.95 -18.55 -2.01
C LEU B 218 -6.85 -17.77 -2.75
N LEU B 219 -5.63 -18.32 -2.78
CA LEU B 219 -4.49 -17.68 -3.46
C LEU B 219 -4.73 -17.64 -4.98
N THR B 220 -4.26 -16.55 -5.61
CA THR B 220 -4.28 -16.27 -7.05
C THR B 220 -2.82 -16.21 -7.50
N SER B 221 -2.48 -16.82 -8.66
CA SER B 221 -1.11 -16.81 -9.19
C SER B 221 -0.65 -15.39 -9.56
N GLU B 222 0.68 -15.15 -9.55
CA GLU B 222 1.29 -13.86 -9.90
C GLU B 222 0.97 -13.48 -11.36
N LYS B 223 0.96 -14.50 -12.25
CA LYS B 223 0.64 -14.36 -13.68
C LYS B 223 -0.81 -13.94 -13.90
N ASP B 224 -1.74 -14.42 -13.03
CA ASP B 224 -3.16 -14.07 -13.10
C ASP B 224 -3.37 -12.62 -12.63
N TRP B 225 -2.65 -12.19 -11.56
CA TRP B 225 -2.70 -10.81 -11.04
C TRP B 225 -2.29 -9.81 -12.13
N GLN B 226 -1.16 -10.09 -12.81
CA GLN B 226 -0.56 -9.28 -13.86
C GLN B 226 -1.46 -9.19 -15.10
N GLY B 227 -2.12 -10.30 -15.44
CA GLY B 227 -3.06 -10.36 -16.56
C GLY B 227 -4.32 -9.56 -16.29
N PHE B 228 -4.79 -9.57 -15.02
CA PHE B 228 -5.94 -8.77 -14.63
C PHE B 228 -5.55 -7.29 -14.65
N LEU B 229 -4.39 -6.97 -14.05
CA LEU B 229 -3.84 -5.62 -13.88
C LEU B 229 -3.64 -4.89 -15.21
N GLU B 230 -3.09 -5.54 -16.25
CA GLU B 230 -2.87 -4.85 -17.53
C GLU B 230 -4.19 -4.52 -18.25
N LEU B 231 -5.24 -5.37 -18.12
CA LEU B 231 -6.56 -5.06 -18.71
C LEU B 231 -7.27 -3.96 -17.88
N TYR B 232 -7.19 -4.06 -16.50
CA TYR B 232 -7.79 -3.10 -15.56
C TYR B 232 -7.24 -1.68 -15.82
N LEU B 233 -5.91 -1.59 -16.06
CA LEU B 233 -5.17 -0.35 -16.38
C LEU B 233 -5.67 0.27 -17.70
N GLN B 234 -6.15 -0.56 -18.63
CA GLN B 234 -6.69 -0.12 -19.92
C GLN B 234 -8.24 0.05 -19.85
N ASN B 235 -8.84 -0.01 -18.62
CA ASN B 235 -10.29 0.09 -18.37
C ASN B 235 -11.07 -0.91 -19.25
N SER B 236 -10.58 -2.16 -19.34
CA SER B 236 -11.16 -3.18 -20.21
C SER B 236 -12.34 -3.92 -19.56
N PRO B 237 -13.46 -4.13 -20.30
CA PRO B 237 -14.58 -4.90 -19.72
C PRO B 237 -14.34 -6.42 -19.79
N GLU B 238 -13.07 -6.83 -20.00
CA GLU B 238 -12.63 -8.22 -20.08
C GLU B 238 -11.71 -8.59 -18.90
N ALA B 239 -11.32 -7.58 -18.11
CA ALA B 239 -10.44 -7.73 -16.95
C ALA B 239 -11.00 -8.69 -15.88
N CYS B 240 -12.27 -8.53 -15.51
CA CYS B 240 -12.96 -9.32 -14.47
C CYS B 240 -13.01 -10.82 -14.82
N ASP B 241 -12.93 -11.18 -16.10
CA ASP B 241 -12.99 -12.57 -16.55
C ASP B 241 -11.64 -13.09 -17.06
N TYR B 242 -10.52 -12.37 -16.79
CA TYR B 242 -9.18 -12.82 -17.17
C TYR B 242 -8.87 -14.19 -16.55
N GLY B 243 -8.42 -15.13 -17.38
CA GLY B 243 -8.05 -16.46 -16.95
C GLY B 243 -9.20 -17.45 -16.95
N LEU B 244 -10.20 -17.22 -17.84
CA LEU B 244 -11.41 -18.02 -18.05
C LEU B 244 -12.18 -18.27 -16.75
N SER C 8 -12.85 22.45 36.01
CA SER C 8 -13.52 21.15 36.08
C SER C 8 -13.97 20.70 34.68
N ALA C 9 -14.90 21.46 34.06
CA ALA C 9 -15.38 21.19 32.71
C ALA C 9 -14.47 21.87 31.67
N ARG C 10 -13.57 22.78 32.13
CA ARG C 10 -12.61 23.49 31.30
C ARG C 10 -11.67 22.47 30.62
N SER C 11 -11.47 22.62 29.30
CA SER C 11 -10.64 21.73 28.50
C SER C 11 -9.16 21.78 28.88
N LEU C 12 -8.49 20.63 28.79
CA LEU C 12 -7.06 20.58 29.07
C LEU C 12 -6.31 20.79 27.77
N GLY C 13 -5.29 21.64 27.81
CA GLY C 13 -4.49 21.98 26.65
C GLY C 13 -3.01 21.70 26.82
N LYS C 14 -2.18 22.32 25.97
CA LYS C 14 -0.72 22.19 26.00
C LYS C 14 -0.22 22.65 27.37
N GLY C 15 0.61 21.83 27.98
CA GLY C 15 1.17 22.12 29.30
C GLY C 15 0.36 21.61 30.47
N SER C 16 -0.89 21.13 30.22
CA SER C 16 -1.76 20.59 31.27
C SER C 16 -1.16 19.31 31.85
N ALA C 17 -1.51 19.00 33.11
CA ALA C 17 -1.01 17.81 33.79
C ALA C 17 -1.71 16.53 33.31
N PRO C 18 -0.95 15.44 33.07
CA PRO C 18 -1.57 14.15 32.71
C PRO C 18 -2.52 13.66 33.82
N PRO C 19 -3.67 13.03 33.49
CA PRO C 19 -4.58 12.59 34.55
C PRO C 19 -4.19 11.27 35.21
N GLY C 20 -4.69 11.07 36.43
CA GLY C 20 -4.46 9.85 37.21
C GLY C 20 -5.24 8.64 36.69
N PRO C 21 -5.09 7.47 37.34
CA PRO C 21 -5.82 6.29 36.87
C PRO C 21 -7.31 6.43 37.10
N VAL C 22 -8.10 5.77 36.26
CA VAL C 22 -9.56 5.77 36.33
C VAL C 22 -9.98 4.89 37.52
N PRO C 23 -10.80 5.41 38.46
CA PRO C 23 -11.24 4.58 39.60
C PRO C 23 -12.04 3.34 39.19
N GLU C 24 -11.94 2.26 40.00
CA GLU C 24 -12.68 1.00 39.81
C GLU C 24 -14.19 1.30 39.83
N GLY C 25 -14.93 0.63 38.96
CA GLY C 25 -16.36 0.84 38.79
C GLY C 25 -16.70 2.04 37.92
N SER C 26 -15.69 2.77 37.44
CA SER C 26 -15.90 3.95 36.61
C SER C 26 -15.18 3.83 35.26
N ILE C 27 -15.48 4.76 34.33
CA ILE C 27 -14.90 4.87 32.98
C ILE C 27 -14.72 6.35 32.68
N ARG C 28 -13.68 6.68 31.93
CA ARG C 28 -13.38 8.05 31.56
C ARG C 28 -13.61 8.26 30.07
N ILE C 29 -14.12 9.45 29.72
CA ILE C 29 -14.27 9.85 28.33
C ILE C 29 -13.50 11.17 28.11
N TYR C 30 -12.59 11.16 27.14
CA TYR C 30 -11.91 12.35 26.65
C TYR C 30 -12.84 12.91 25.60
N SER C 31 -13.30 14.15 25.79
CA SER C 31 -14.32 14.70 24.94
C SER C 31 -14.03 16.16 24.64
N MET C 32 -14.99 16.84 23.98
CA MET C 32 -15.02 18.27 23.71
C MET C 32 -16.51 18.59 23.63
N ARG C 33 -17.00 19.53 24.46
CA ARG C 33 -18.44 19.82 24.65
C ARG C 33 -19.21 20.16 23.35
N PHE C 34 -18.50 20.59 22.32
CA PHE C 34 -19.12 20.97 21.04
C PHE C 34 -18.82 19.95 19.94
N CYS C 35 -18.07 18.88 20.26
CA CYS C 35 -17.71 17.86 19.28
C CYS C 35 -18.90 16.89 19.03
N PRO C 36 -19.42 16.84 17.76
CA PRO C 36 -20.55 15.93 17.48
C PRO C 36 -20.16 14.45 17.55
N PHE C 37 -18.90 14.11 17.23
CA PHE C 37 -18.42 12.72 17.29
C PHE C 37 -18.37 12.23 18.76
N ALA C 38 -17.87 13.09 19.69
CA ALA C 38 -17.80 12.75 21.11
C ALA C 38 -19.18 12.73 21.71
N GLU C 39 -20.11 13.55 21.16
CA GLU C 39 -21.50 13.57 21.63
C GLU C 39 -22.17 12.19 21.47
N ARG C 40 -21.85 11.44 20.38
CA ARG C 40 -22.37 10.08 20.19
C ARG C 40 -22.13 9.23 21.45
N THR C 41 -20.86 9.19 21.90
CA THR C 41 -20.43 8.46 23.10
C THR C 41 -21.16 8.97 24.37
N ARG C 42 -21.28 10.30 24.54
CA ARG C 42 -21.94 10.90 25.70
C ARG C 42 -23.43 10.56 25.73
N LEU C 43 -24.05 10.42 24.55
CA LEU C 43 -25.45 10.01 24.44
C LEU C 43 -25.61 8.54 24.89
N VAL C 44 -24.63 7.66 24.55
CA VAL C 44 -24.69 6.24 24.97
C VAL C 44 -24.45 6.13 26.48
N LEU C 45 -23.50 6.93 27.02
CA LEU C 45 -23.20 6.95 28.46
C LEU C 45 -24.44 7.35 29.27
N LYS C 46 -25.19 8.34 28.79
CA LYS C 46 -26.41 8.84 29.44
C LYS C 46 -27.51 7.79 29.32
N ALA C 47 -27.81 7.35 28.10
CA ALA C 47 -28.87 6.37 27.80
C ALA C 47 -28.72 5.09 28.62
N LYS C 48 -27.48 4.61 28.83
CA LYS C 48 -27.24 3.37 29.58
C LYS C 48 -26.99 3.61 31.08
N GLY C 49 -27.06 4.87 31.52
CA GLY C 49 -26.83 5.27 32.92
C GLY C 49 -25.50 4.81 33.46
N ILE C 50 -24.44 4.99 32.66
CA ILE C 50 -23.08 4.55 33.00
C ILE C 50 -22.38 5.60 33.85
N ARG C 51 -21.84 5.19 35.02
CA ARG C 51 -21.05 6.04 35.91
C ARG C 51 -19.74 6.35 35.19
N HIS C 52 -19.45 7.65 34.95
CA HIS C 52 -18.26 8.06 34.23
C HIS C 52 -17.74 9.43 34.64
N GLU C 53 -16.54 9.76 34.17
CA GLU C 53 -15.93 11.07 34.35
C GLU C 53 -15.59 11.62 32.97
N VAL C 54 -15.68 12.94 32.84
CA VAL C 54 -15.43 13.63 31.59
C VAL C 54 -14.17 14.49 31.71
N ILE C 55 -13.27 14.37 30.72
CA ILE C 55 -12.08 15.22 30.62
C ILE C 55 -12.18 15.87 29.23
N ASN C 56 -12.36 17.19 29.20
CA ASN C 56 -12.45 17.88 27.91
C ASN C 56 -11.05 18.21 27.41
N ILE C 57 -10.85 18.12 26.10
CA ILE C 57 -9.57 18.37 25.44
C ILE C 57 -9.67 19.59 24.55
N ASN C 58 -8.68 20.52 24.67
CA ASN C 58 -8.62 21.69 23.81
C ASN C 58 -8.09 21.21 22.47
N LEU C 59 -9.00 20.99 21.51
CA LEU C 59 -8.66 20.46 20.18
C LEU C 59 -7.85 21.44 19.35
N LYS C 60 -7.86 22.73 19.71
CA LYS C 60 -7.03 23.74 19.06
C LYS C 60 -5.58 23.67 19.57
N ASN C 61 -5.39 23.40 20.88
CA ASN C 61 -4.08 23.36 21.54
C ASN C 61 -3.99 22.13 22.47
N LYS C 62 -3.84 20.95 21.87
CA LYS C 62 -3.88 19.64 22.52
C LYS C 62 -2.73 19.38 23.49
N PRO C 63 -3.02 18.67 24.61
CA PRO C 63 -1.94 18.28 25.52
C PRO C 63 -1.10 17.19 24.84
N GLU C 64 0.23 17.24 25.01
CA GLU C 64 1.14 16.26 24.41
C GLU C 64 0.81 14.83 24.87
N TRP C 65 0.48 14.67 26.19
CA TRP C 65 0.14 13.40 26.83
C TRP C 65 -1.12 12.77 26.22
N PHE C 66 -1.96 13.57 25.51
CA PHE C 66 -3.20 13.07 24.89
C PHE C 66 -2.90 12.15 23.72
N PHE C 67 -1.75 12.33 23.07
CA PHE C 67 -1.37 11.48 21.94
C PHE C 67 -1.04 10.05 22.41
N LYS C 68 -0.80 9.87 23.72
CA LYS C 68 -0.60 8.55 24.32
C LYS C 68 -1.97 7.88 24.54
N LYS C 69 -3.07 8.67 24.57
CA LYS C 69 -4.44 8.14 24.73
C LYS C 69 -4.97 7.71 23.36
N ASN C 70 -4.75 8.56 22.35
CA ASN C 70 -5.12 8.29 20.95
C ASN C 70 -4.00 8.84 20.06
N PRO C 71 -3.27 7.96 19.34
CA PRO C 71 -2.18 8.44 18.45
C PRO C 71 -2.68 9.41 17.37
N PHE C 72 -3.96 9.31 16.97
CA PHE C 72 -4.61 10.19 15.99
C PHE C 72 -4.93 11.57 16.61
N GLY C 73 -4.91 11.68 17.94
CA GLY C 73 -5.20 12.91 18.67
C GLY C 73 -6.63 13.39 18.55
N LEU C 74 -7.59 12.46 18.40
CA LEU C 74 -9.00 12.84 18.27
C LEU C 74 -9.86 12.36 19.44
N VAL C 75 -10.92 13.12 19.76
CA VAL C 75 -11.94 12.74 20.73
C VAL C 75 -13.11 12.10 19.91
N PRO C 76 -13.91 11.17 20.46
CA PRO C 76 -13.90 10.66 21.85
C PRO C 76 -12.85 9.57 22.06
N VAL C 77 -12.45 9.41 23.31
CA VAL C 77 -11.54 8.37 23.77
C VAL C 77 -12.10 7.87 25.07
N LEU C 78 -12.22 6.56 25.21
CA LEU C 78 -12.63 5.94 26.46
C LEU C 78 -11.42 5.32 27.12
N GLU C 79 -11.34 5.41 28.45
CA GLU C 79 -10.27 4.83 29.25
C GLU C 79 -10.87 4.25 30.52
N ASN C 80 -10.57 2.98 30.81
CA ASN C 80 -11.13 2.31 31.97
C ASN C 80 -10.05 2.07 33.04
N SER C 81 -10.44 1.53 34.21
CA SER C 81 -9.57 1.28 35.37
C SER C 81 -8.40 0.33 35.06
N GLN C 82 -8.55 -0.53 34.03
CA GLN C 82 -7.50 -1.44 33.59
C GLN C 82 -6.49 -0.74 32.66
N GLY C 83 -6.72 0.54 32.39
CA GLY C 83 -5.89 1.32 31.50
C GLY C 83 -6.17 1.09 30.02
N GLN C 84 -7.24 0.35 29.68
CA GLN C 84 -7.60 0.07 28.28
C GLN C 84 -8.12 1.33 27.63
N LEU C 85 -7.72 1.56 26.38
CA LEU C 85 -8.08 2.74 25.62
C LEU C 85 -8.87 2.36 24.36
N ILE C 86 -10.01 3.02 24.14
CA ILE C 86 -10.89 2.76 23.00
C ILE C 86 -11.18 4.10 22.32
N TYR C 87 -10.96 4.19 21.00
CA TYR C 87 -11.24 5.41 20.25
C TYR C 87 -11.97 5.04 18.94
N GLU C 88 -12.37 6.07 18.12
CA GLU C 88 -13.28 6.02 16.96
C GLU C 88 -14.68 6.02 17.56
N SER C 89 -15.48 7.09 17.36
CA SER C 89 -16.80 7.25 18.00
C SER C 89 -17.75 6.04 17.85
N ALA C 90 -17.87 5.44 16.64
CA ALA C 90 -18.76 4.28 16.46
C ALA C 90 -18.25 3.09 17.27
N ILE C 91 -16.90 2.87 17.29
CA ILE C 91 -16.31 1.78 18.08
C ILE C 91 -16.61 2.01 19.58
N THR C 92 -16.44 3.26 20.10
CA THR C 92 -16.70 3.55 21.53
C THR C 92 -18.14 3.24 21.91
N CYS C 93 -19.12 3.56 21.02
CA CYS C 93 -20.55 3.34 21.27
C CYS C 93 -20.89 1.84 21.32
N GLU C 94 -20.35 1.07 20.37
CA GLU C 94 -20.59 -0.38 20.33
C GLU C 94 -19.97 -1.01 21.57
N TYR C 95 -18.73 -0.61 21.94
CA TYR C 95 -18.03 -1.11 23.13
C TYR C 95 -18.87 -0.92 24.39
N LEU C 96 -19.41 0.30 24.58
CA LEU C 96 -20.23 0.63 25.75
C LEU C 96 -21.50 -0.21 25.81
N ASP C 97 -22.14 -0.45 24.66
CA ASP C 97 -23.36 -1.26 24.60
C ASP C 97 -23.10 -2.71 25.02
N GLU C 98 -21.93 -3.25 24.64
CA GLU C 98 -21.53 -4.63 24.93
C GLU C 98 -20.95 -4.84 26.35
N ALA C 99 -20.19 -3.86 26.90
CA ALA C 99 -19.51 -4.00 28.18
C ALA C 99 -20.35 -3.54 29.39
N TYR C 100 -21.49 -2.87 29.19
CA TYR C 100 -22.26 -2.38 30.34
C TYR C 100 -23.70 -2.93 30.35
N PRO C 101 -24.32 -3.09 31.54
CA PRO C 101 -25.68 -3.66 31.59
C PRO C 101 -26.78 -2.65 31.21
N GLY C 102 -28.03 -3.06 31.41
CA GLY C 102 -29.20 -2.25 31.13
C GLY C 102 -29.77 -2.50 29.75
N LYS C 103 -30.58 -1.54 29.26
CA LYS C 103 -31.23 -1.56 27.95
C LYS C 103 -30.19 -1.57 26.83
N LYS C 104 -30.26 -2.58 25.96
CA LYS C 104 -29.37 -2.71 24.81
C LYS C 104 -29.83 -1.74 23.73
N LEU C 105 -28.91 -0.91 23.25
CA LEU C 105 -29.20 0.09 22.23
C LEU C 105 -29.08 -0.52 20.83
N LEU C 106 -28.38 -1.64 20.72
CA LEU C 106 -28.23 -2.32 19.43
C LEU C 106 -29.22 -3.46 19.36
N PRO C 107 -29.82 -3.73 18.18
CA PRO C 107 -30.76 -4.86 18.09
C PRO C 107 -30.01 -6.17 18.20
N ASP C 108 -30.65 -7.21 18.73
CA ASP C 108 -29.98 -8.51 18.90
C ASP C 108 -29.79 -9.27 17.56
N ASP C 109 -30.68 -9.06 16.58
CA ASP C 109 -30.62 -9.77 15.29
C ASP C 109 -29.42 -9.29 14.41
N PRO C 110 -28.56 -10.25 13.97
CA PRO C 110 -27.40 -9.88 13.10
C PRO C 110 -27.77 -9.06 11.86
N TYR C 111 -28.90 -9.37 11.19
CA TYR C 111 -29.34 -8.60 10.01
C TYR C 111 -29.74 -7.19 10.43
N GLU C 112 -30.48 -7.04 11.54
CA GLU C 112 -30.90 -5.72 12.03
C GLU C 112 -29.68 -4.89 12.43
N LYS C 113 -28.63 -5.53 13.00
CA LYS C 113 -27.38 -4.80 13.33
C LYS C 113 -26.68 -4.32 12.06
N ALA C 114 -26.64 -5.18 11.04
CA ALA C 114 -26.03 -4.89 9.73
C ALA C 114 -26.73 -3.71 9.06
N CYS C 115 -28.08 -3.64 9.20
CA CYS C 115 -28.90 -2.58 8.65
C CYS C 115 -28.53 -1.23 9.23
N GLN C 116 -28.33 -1.17 10.56
CA GLN C 116 -27.97 0.09 11.24
C GLN C 116 -26.58 0.57 10.75
N LYS C 117 -25.66 -0.35 10.48
CA LYS C 117 -24.32 -0.02 9.95
C LYS C 117 -24.44 0.48 8.50
N MET C 118 -25.37 -0.09 7.71
CA MET C 118 -25.57 0.34 6.32
C MET C 118 -26.17 1.74 6.30
N ILE C 119 -27.10 2.04 7.23
CA ILE C 119 -27.69 3.38 7.35
C ILE C 119 -26.59 4.37 7.72
N LEU C 120 -25.65 3.98 8.62
CA LEU C 120 -24.50 4.81 9.01
C LEU C 120 -23.64 5.15 7.79
N GLU C 121 -23.41 4.17 6.91
CA GLU C 121 -22.64 4.34 5.69
C GLU C 121 -23.36 5.32 4.74
N LEU C 122 -24.70 5.26 4.69
CA LEU C 122 -25.51 6.18 3.86
C LEU C 122 -25.40 7.62 4.36
N PHE C 123 -25.17 7.81 5.68
CA PHE C 123 -25.02 9.09 6.37
C PHE C 123 -23.58 9.65 6.27
N SER C 124 -22.59 8.82 5.87
CA SER C 124 -21.14 9.14 5.87
C SER C 124 -20.72 10.48 5.25
N LYS C 125 -21.45 11.00 4.23
CA LYS C 125 -21.08 12.28 3.60
C LYS C 125 -21.52 13.52 4.41
N VAL C 126 -22.47 13.35 5.37
CA VAL C 126 -23.02 14.46 6.14
C VAL C 126 -21.97 15.11 7.09
N PRO C 127 -21.19 14.40 7.97
CA PRO C 127 -20.23 15.13 8.83
C PRO C 127 -19.20 15.98 8.08
N SER C 128 -18.70 15.49 6.93
CA SER C 128 -17.72 16.23 6.11
C SER C 128 -18.38 17.45 5.44
N LEU C 129 -19.68 17.36 5.05
CA LEU C 129 -20.40 18.50 4.48
C LEU C 129 -20.55 19.58 5.56
N VAL C 130 -20.82 19.15 6.81
CA VAL C 130 -20.99 20.01 7.99
C VAL C 130 -19.64 20.73 8.22
N GLY C 131 -18.54 19.97 8.19
CA GLY C 131 -17.17 20.47 8.35
C GLY C 131 -16.82 21.57 7.37
N SER C 132 -17.09 21.33 6.07
CA SER C 132 -16.88 22.29 4.98
C SER C 132 -17.75 23.54 5.15
N PHE C 133 -19.00 23.38 5.62
CA PHE C 133 -19.93 24.49 5.80
C PHE C 133 -19.50 25.49 6.89
N ILE C 134 -18.96 25.01 8.04
CA ILE C 134 -18.54 25.90 9.14
C ILE C 134 -17.24 26.65 8.74
N ARG C 135 -16.52 26.16 7.70
CA ARG C 135 -15.28 26.75 7.21
C ARG C 135 -15.45 27.48 5.84
N SER C 136 -16.67 27.43 5.24
CA SER C 136 -17.03 28.02 3.93
C SER C 136 -16.85 29.54 3.83
N GLN C 137 -16.98 30.11 2.60
CA GLN C 137 -16.79 31.54 2.32
C GLN C 137 -18.01 32.21 1.62
N ASN C 138 -17.96 32.37 0.28
CA ASN C 138 -18.96 33.05 -0.56
C ASN C 138 -20.31 32.33 -0.64
N LYS C 139 -21.33 33.05 -1.16
CA LYS C 139 -22.73 32.62 -1.35
C LYS C 139 -22.85 31.44 -2.33
N GLU C 140 -21.93 31.34 -3.31
CA GLU C 140 -21.91 30.25 -4.30
C GLU C 140 -21.53 28.93 -3.63
N ASP C 141 -20.65 28.99 -2.59
CA ASP C 141 -20.20 27.85 -1.81
C ASP C 141 -21.35 27.33 -0.92
N TYR C 142 -22.11 28.26 -0.31
CA TYR C 142 -23.26 27.98 0.56
C TYR C 142 -24.37 27.25 -0.22
N ALA C 143 -24.80 27.82 -1.37
CA ALA C 143 -25.85 27.28 -2.24
C ALA C 143 -25.52 25.86 -2.73
N GLY C 144 -24.26 25.62 -3.06
CA GLY C 144 -23.76 24.33 -3.52
C GLY C 144 -23.82 23.28 -2.43
N LEU C 145 -23.34 23.64 -1.21
CA LEU C 145 -23.33 22.78 -0.03
C LEU C 145 -24.76 22.43 0.39
N LYS C 146 -25.67 23.42 0.37
CA LYS C 146 -27.09 23.27 0.71
C LYS C 146 -27.77 22.25 -0.20
N GLU C 147 -27.47 22.27 -1.52
CA GLU C 147 -28.03 21.31 -2.47
C GLU C 147 -27.48 19.90 -2.17
N GLU C 148 -26.19 19.81 -1.78
CA GLU C 148 -25.57 18.54 -1.41
C GLU C 148 -26.24 17.96 -0.16
N PHE C 149 -26.53 18.82 0.86
CA PHE C 149 -27.21 18.37 2.08
C PHE C 149 -28.57 17.79 1.73
N ARG C 150 -29.34 18.50 0.87
CA ARG C 150 -30.67 18.10 0.39
C ARG C 150 -30.64 16.68 -0.25
N LYS C 151 -29.59 16.39 -1.06
CA LYS C 151 -29.39 15.11 -1.73
C LYS C 151 -29.12 14.00 -0.70
N GLU C 152 -28.26 14.27 0.31
CA GLU C 152 -27.95 13.29 1.37
C GLU C 152 -29.16 13.03 2.27
N PHE C 153 -29.90 14.11 2.62
CA PHE C 153 -31.06 14.01 3.49
C PHE C 153 -32.20 13.20 2.81
N THR C 154 -32.28 13.23 1.46
CA THR C 154 -33.25 12.45 0.69
C THR C 154 -32.97 10.94 0.88
N LYS C 155 -31.68 10.54 0.93
CA LYS C 155 -31.28 9.13 1.14
C LYS C 155 -31.77 8.63 2.51
N LEU C 156 -31.74 9.50 3.52
CA LEU C 156 -32.22 9.18 4.86
C LEU C 156 -33.76 9.18 4.89
N GLU C 157 -34.42 10.06 4.11
CA GLU C 157 -35.88 10.09 3.98
C GLU C 157 -36.37 8.76 3.38
N GLU C 158 -35.63 8.22 2.39
CA GLU C 158 -35.97 6.97 1.71
C GLU C 158 -35.90 5.79 2.69
N VAL C 159 -34.94 5.82 3.63
CA VAL C 159 -34.80 4.78 4.64
C VAL C 159 -36.05 4.77 5.52
N LEU C 160 -36.44 5.94 6.06
CA LEU C 160 -37.61 6.10 6.93
C LEU C 160 -38.90 5.70 6.20
N THR C 161 -39.00 6.01 4.90
CA THR C 161 -40.15 5.66 4.07
C THR C 161 -40.25 4.14 3.95
N ASN C 162 -39.11 3.46 3.69
CA ASN C 162 -39.03 2.01 3.53
C ASN C 162 -39.28 1.28 4.85
N LYS C 163 -38.75 1.83 5.96
CA LYS C 163 -38.92 1.25 7.30
C LYS C 163 -40.35 1.39 7.81
N LYS C 164 -41.03 2.52 7.47
CA LYS C 164 -42.42 2.81 7.87
C LYS C 164 -42.50 3.04 9.40
N THR C 165 -41.38 3.42 10.02
CA THR C 165 -41.30 3.64 11.47
C THR C 165 -40.80 5.06 11.73
N THR C 166 -41.04 5.62 12.93
CA THR C 166 -40.60 6.98 13.29
C THR C 166 -39.05 7.04 13.38
N PHE C 167 -38.40 6.00 13.92
CA PHE C 167 -36.92 6.02 14.07
C PHE C 167 -36.21 5.13 13.04
N PHE C 168 -34.89 5.31 12.88
CA PHE C 168 -34.09 4.57 11.90
C PHE C 168 -33.93 3.09 12.22
N GLY C 169 -34.19 2.70 13.46
CA GLY C 169 -34.13 1.30 13.87
C GLY C 169 -35.47 0.72 14.30
N GLY C 170 -36.56 1.44 14.07
CA GLY C 170 -37.89 0.95 14.43
C GLY C 170 -38.76 1.95 15.16
N ASN C 171 -39.74 1.44 15.94
CA ASN C 171 -40.69 2.27 16.66
C ASN C 171 -40.09 2.89 17.94
N SER C 172 -38.92 2.42 18.37
CA SER C 172 -38.20 2.93 19.53
C SER C 172 -36.81 3.37 19.11
N ILE C 173 -36.26 4.36 19.82
CA ILE C 173 -34.92 4.90 19.61
C ILE C 173 -33.90 3.78 19.85
N SER C 174 -32.84 3.74 19.03
CA SER C 174 -31.79 2.74 19.13
C SER C 174 -30.45 3.39 18.78
N MET C 175 -29.35 2.62 18.80
CA MET C 175 -28.00 3.11 18.56
C MET C 175 -27.89 4.05 17.35
N ILE C 176 -28.37 3.61 16.17
CA ILE C 176 -28.28 4.37 14.91
C ILE C 176 -28.83 5.81 15.04
N ASP C 177 -29.92 6.01 15.78
CA ASP C 177 -30.50 7.34 15.97
C ASP C 177 -29.52 8.26 16.71
N TYR C 178 -28.85 7.75 17.76
CA TYR C 178 -27.89 8.52 18.57
C TYR C 178 -26.61 8.81 17.78
N LEU C 179 -26.25 7.91 16.86
CA LEU C 179 -25.06 8.05 16.01
C LEU C 179 -25.22 9.17 14.98
N ILE C 180 -26.44 9.43 14.51
CA ILE C 180 -26.71 10.41 13.45
C ILE C 180 -27.19 11.75 14.04
N TRP C 181 -27.92 11.71 15.15
CA TRP C 181 -28.54 12.89 15.76
C TRP C 181 -27.62 14.12 15.88
N PRO C 182 -26.35 14.08 16.40
CA PRO C 182 -25.58 15.32 16.59
C PRO C 182 -25.50 16.27 15.40
N TRP C 183 -25.47 15.76 14.17
CA TRP C 183 -25.37 16.63 13.00
C TRP C 183 -26.72 17.32 12.68
N PHE C 184 -27.85 16.66 12.95
CA PHE C 184 -29.17 17.26 12.76
C PHE C 184 -29.46 18.28 13.87
N GLU C 185 -28.98 18.00 15.09
CA GLU C 185 -29.13 18.88 16.24
C GLU C 185 -28.58 20.28 15.94
N ARG C 186 -27.51 20.33 15.18
CA ARG C 186 -26.76 21.53 14.83
C ARG C 186 -27.27 22.26 13.58
N LEU C 187 -28.27 21.67 12.86
CA LEU C 187 -28.81 22.29 11.64
C LEU C 187 -29.38 23.66 11.89
N GLU C 188 -30.12 23.79 13.01
CA GLU C 188 -30.78 25.01 13.48
C GLU C 188 -29.78 26.14 13.64
N ALA C 189 -28.66 25.89 14.36
CA ALA C 189 -27.59 26.84 14.62
C ALA C 189 -26.86 27.23 13.34
N MET C 190 -26.66 26.29 12.41
CA MET C 190 -25.99 26.57 11.14
C MET C 190 -26.95 27.22 10.14
N LYS C 191 -28.21 27.45 10.54
CA LYS C 191 -29.31 28.06 9.76
C LYS C 191 -29.56 27.22 8.48
N LEU C 192 -29.45 25.87 8.61
CA LEU C 192 -29.65 24.93 7.51
C LEU C 192 -31.01 24.19 7.62
N ASN C 193 -31.97 24.73 8.40
CA ASN C 193 -33.30 24.15 8.57
C ASN C 193 -34.01 23.86 7.25
N GLU C 194 -33.84 24.73 6.22
CA GLU C 194 -34.46 24.58 4.90
C GLU C 194 -34.03 23.28 4.17
N CYS C 195 -32.85 22.70 4.53
CA CYS C 195 -32.34 21.51 3.87
C CYS C 195 -33.16 20.23 4.19
N VAL C 196 -34.11 20.30 5.14
CA VAL C 196 -35.02 19.18 5.47
C VAL C 196 -36.51 19.55 5.17
N ASP C 197 -36.75 20.68 4.50
CA ASP C 197 -38.12 21.10 4.22
C ASP C 197 -38.77 20.25 3.08
N HIS C 198 -37.98 19.35 2.45
CA HIS C 198 -38.46 18.45 1.41
C HIS C 198 -38.50 17.00 1.95
N THR C 199 -38.11 16.80 3.22
CA THR C 199 -38.05 15.49 3.86
C THR C 199 -38.93 15.47 5.14
N PRO C 200 -40.28 15.33 5.01
CA PRO C 200 -41.16 15.38 6.19
C PRO C 200 -40.96 14.29 7.25
N LYS C 201 -40.62 13.04 6.85
CA LYS C 201 -40.42 11.97 7.84
C LYS C 201 -39.13 12.25 8.64
N LEU C 202 -38.09 12.79 7.98
CA LEU C 202 -36.84 13.19 8.62
C LEU C 202 -37.08 14.33 9.60
N LYS C 203 -38.00 15.27 9.24
CA LYS C 203 -38.38 16.42 10.06
C LYS C 203 -39.14 15.93 11.31
N LEU C 204 -40.02 14.91 11.16
CA LEU C 204 -40.79 14.31 12.25
C LEU C 204 -39.84 13.56 13.20
N TRP C 205 -38.82 12.89 12.62
CA TRP C 205 -37.79 12.16 13.36
C TRP C 205 -37.02 13.11 14.29
N MET C 206 -36.57 14.29 13.77
CA MET C 206 -35.87 15.31 14.56
C MET C 206 -36.72 15.75 15.76
N ALA C 207 -38.03 15.98 15.54
CA ALA C 207 -38.97 16.36 16.57
C ALA C 207 -39.09 15.25 17.64
N ALA C 208 -39.16 13.97 17.22
CA ALA C 208 -39.24 12.84 18.17
C ALA C 208 -37.92 12.72 18.95
N MET C 209 -36.78 12.90 18.26
CA MET C 209 -35.46 12.88 18.91
C MET C 209 -35.37 13.92 20.05
N LYS C 210 -35.79 15.18 19.79
CA LYS C 210 -35.81 16.28 20.78
C LYS C 210 -36.68 15.96 22.03
N GLU C 211 -37.65 15.04 21.91
CA GLU C 211 -38.52 14.64 23.03
C GLU C 211 -37.90 13.50 23.86
N ASP C 212 -36.87 12.82 23.34
CA ASP C 212 -36.19 11.74 24.08
C ASP C 212 -35.47 12.32 25.30
N PRO C 213 -35.61 11.71 26.50
CA PRO C 213 -34.95 12.24 27.71
C PRO C 213 -33.43 12.38 27.61
N THR C 214 -32.74 11.39 26.99
CA THR C 214 -31.28 11.39 26.81
C THR C 214 -30.87 12.57 25.89
N VAL C 215 -31.52 12.70 24.72
CA VAL C 215 -31.23 13.78 23.79
C VAL C 215 -31.45 15.15 24.46
N SER C 216 -32.61 15.33 25.12
CA SER C 216 -33.04 16.57 25.78
C SER C 216 -32.02 17.02 26.83
N ALA C 217 -31.52 16.07 27.63
CA ALA C 217 -30.55 16.34 28.69
C ALA C 217 -29.21 16.83 28.14
N LEU C 218 -28.85 16.41 26.90
CA LEU C 218 -27.58 16.75 26.28
C LEU C 218 -27.69 17.86 25.22
N LEU C 219 -28.85 18.56 25.16
CA LEU C 219 -29.04 19.68 24.23
C LEU C 219 -28.19 20.88 24.65
N THR C 220 -27.60 21.58 23.67
CA THR C 220 -26.83 22.81 23.81
C THR C 220 -27.67 23.94 23.22
N SER C 221 -27.71 25.12 23.89
CA SER C 221 -28.47 26.26 23.43
C SER C 221 -27.90 26.83 22.12
N GLU C 222 -28.76 27.51 21.33
CA GLU C 222 -28.42 28.13 20.05
C GLU C 222 -27.36 29.24 20.21
N LYS C 223 -27.34 29.92 21.37
CA LYS C 223 -26.37 30.98 21.68
C LYS C 223 -24.98 30.36 21.90
N ASP C 224 -24.92 29.25 22.67
CA ASP C 224 -23.68 28.52 22.97
C ASP C 224 -23.10 27.90 21.69
N TRP C 225 -23.99 27.43 20.78
CA TRP C 225 -23.59 26.90 19.48
C TRP C 225 -22.91 28.00 18.68
N GLN C 226 -23.53 29.22 18.64
CA GLN C 226 -23.01 30.41 17.95
C GLN C 226 -21.69 30.88 18.53
N GLY C 227 -21.61 30.94 19.87
CA GLY C 227 -20.43 31.35 20.62
C GLY C 227 -19.21 30.50 20.34
N PHE C 228 -19.40 29.17 20.25
CA PHE C 228 -18.29 28.27 19.93
C PHE C 228 -17.89 28.47 18.48
N LEU C 229 -18.88 28.48 17.59
CA LEU C 229 -18.78 28.62 16.15
C LEU C 229 -18.05 29.89 15.71
N GLU C 230 -18.28 31.03 16.39
CA GLU C 230 -17.63 32.29 16.04
C GLU C 230 -16.14 32.27 16.44
N LEU C 231 -15.79 31.55 17.53
CA LEU C 231 -14.40 31.41 17.99
C LEU C 231 -13.67 30.29 17.22
N TYR C 232 -14.42 29.26 16.75
CA TYR C 232 -13.89 28.13 15.97
C TYR C 232 -13.44 28.62 14.57
N LEU C 233 -14.14 29.64 14.04
CA LEU C 233 -13.83 30.25 12.74
C LEU C 233 -12.51 31.02 12.81
N GLN C 234 -12.29 31.72 13.94
CA GLN C 234 -11.10 32.53 14.25
C GLN C 234 -9.91 31.66 14.71
N ASN C 235 -10.15 30.33 14.88
CA ASN C 235 -9.18 29.32 15.36
C ASN C 235 -8.64 29.71 16.76
N SER C 236 -9.51 30.32 17.58
CA SER C 236 -9.23 30.77 18.95
C SER C 236 -8.94 29.59 19.88
N PRO C 237 -7.92 29.68 20.77
CA PRO C 237 -7.66 28.56 21.70
C PRO C 237 -8.66 28.55 22.88
N GLU C 238 -9.69 29.42 22.82
CA GLU C 238 -10.74 29.57 23.84
C GLU C 238 -12.10 29.06 23.35
N ALA C 239 -12.16 28.62 22.06
CA ALA C 239 -13.38 28.12 21.40
C ALA C 239 -14.04 26.95 22.14
N CYS C 240 -13.25 25.93 22.48
CA CYS C 240 -13.70 24.70 23.15
C CYS C 240 -14.26 25.00 24.55
N ASP C 241 -13.86 26.13 25.16
CA ASP C 241 -14.31 26.52 26.50
C ASP C 241 -15.36 27.66 26.48
N TYR C 242 -15.99 27.96 25.32
CA TYR C 242 -17.01 29.02 25.24
C TYR C 242 -18.14 28.75 26.23
N GLY C 243 -18.51 29.77 26.99
CA GLY C 243 -19.55 29.68 27.99
C GLY C 243 -19.08 29.03 29.27
N LEU C 244 -17.75 29.18 29.57
CA LEU C 244 -16.99 28.68 30.72
C LEU C 244 -16.90 27.15 30.75
O 4GG D . 40.09 -1.61 -20.14
C12 4GG D . 39.83 -1.02 -19.10
C13 4GG D . 39.62 -1.92 -17.84
N1 4GG D . 39.81 0.34 -19.04
C1 4GG D . 39.71 1.05 -17.78
C2 4GG D . 39.78 1.15 -20.25
C3 4GG D . 38.41 1.69 -20.59
C11 4GG D . 37.64 2.65 -19.92
N3 4GG D . 36.51 2.82 -20.64
N2 4GG D . 36.48 2.01 -21.73
C4 4GG D . 37.62 1.32 -21.73
C5 4GG D . 35.45 3.77 -20.42
C10 4GG D . 35.17 4.22 -19.14
C9 4GG D . 34.26 5.26 -18.95
C8 4GG D . 33.62 5.83 -20.04
C7 4GG D . 33.87 5.35 -21.31
C6 4GG D . 34.78 4.33 -21.52
O 4GG E . -12.58 -2.20 -5.77
C12 4GG E . -12.55 -3.30 -6.32
C13 4GG E . -13.58 -4.38 -5.82
N1 4GG E . -11.72 -3.54 -7.37
C1 4GG E . -11.82 -4.76 -8.17
C2 4GG E . -10.64 -2.63 -7.71
C3 4GG E . -9.29 -3.09 -7.24
C11 4GG E . -8.53 -4.16 -7.70
N3 4GG E . -7.37 -4.15 -7.01
N2 4GG E . -7.35 -3.12 -6.11
C4 4GG E . -8.49 -2.46 -6.22
C5 4GG E . -6.22 -5.00 -7.15
C10 4GG E . -6.37 -6.28 -7.68
C9 4GG E . -5.24 -7.04 -7.97
C8 4GG E . -3.97 -6.53 -7.73
C7 4GG E . -3.82 -5.27 -7.18
C6 4GG E . -4.94 -4.49 -6.89
O 4GG F . -15.21 16.88 14.62
C12 4GG F . -15.17 17.51 15.68
C13 4GG F . -15.23 16.63 16.99
N1 4GG F . -15.00 18.85 15.70
C1 4GG F . -14.67 19.60 16.90
C2 4GG F . -15.28 19.63 14.50
C3 4GG F . -16.74 19.94 14.37
C11 4GG F . -17.53 20.75 15.18
N3 4GG F . -18.78 20.75 14.66
N2 4GG F . -18.84 19.97 13.54
C4 4GG F . -17.63 19.47 13.34
C5 4GG F . -19.93 21.53 15.06
C10 4GG F . -20.84 21.96 14.09
C9 4GG F . -21.83 22.86 14.44
C8 4GG F . -21.92 23.33 15.74
C7 4GG F . -21.03 22.88 16.70
C6 4GG F . -20.04 21.96 16.37
#